data_4WNW
#
_entry.id   4WNW
#
_cell.length_a   194.190
_cell.length_b   55.349
_cell.length_c   145.223
_cell.angle_alpha   90.000
_cell.angle_beta   134.190
_cell.angle_gamma   90.000
#
_symmetry.space_group_name_H-M   'C 1 2 1'
#
loop_
_entity.id
_entity.type
_entity.pdbx_description
1 polymer 'Cytochrome P450 2D6'
2 non-polymer 'PROTOPORPHYRIN IX CONTAINING FE'
3 non-polymer 10-{2-[(2R)-1-methylpiperidin-2-yl]ethyl}-2-(methylsulfanyl)-10H-phenothiazine
4 non-polymer 'SODIUM ION'
5 non-polymer 'NICKEL (II) ION'
#
_entity_poly.entity_id   1
_entity_poly.type   'polypeptide(L)'
_entity_poly.pdbx_seq_one_letter_code
;MAKKTSSKGKLPPGPLPLPGLGNLLHVDFQNTPYCFDQLRRRFGDVFSLQLAWTPVVVLNGLAAVREALVTHGEDTADRP
PVPITQILGFGPRSQGVFLARYGPAWREQRRFSVSTLRNLGLGKKSLEQWVTEEAACLCAAFANHSGRPFRPNGLLDKAV
SNVIASLTCGRRFEYDDPRFLRLLDLAQEGLKEESGFLREVLNAVPVLLHIPALAGKVLRFQKAFLTQLDELLTEHRMTW
DPAQPPRDLTEAFLAEMEKAKGNPESSFNDENLRIVVADLFSAGMVTTSTTLAWGLLLMILHPDVQRRVQQEIDDVIGQV
RRPEMGDQAHMPYTTAVIHEVQRFGDIVPLGVTHMTSRDIEVQGFRIPKGTTLITNLSSVLKDEAVWEKPFRFHPEHFLD
AQGHFVKPEAFLPFSAGRRACLGEPLARMELFLFFTSLLQHFSFSVPTGQPRPSHHGVFAFLVSPSPYELCAVPRHHHH
;
_entity_poly.pdbx_strand_id   A,B
#
loop_
_chem_comp.id
_chem_comp.type
_chem_comp.name
_chem_comp.formula
HEM non-polymer 'PROTOPORPHYRIN IX CONTAINING FE' 'C34 H32 Fe N4 O4'
NA non-polymer 'SODIUM ION' 'Na 1'
NI non-polymer 'NICKEL (II) ION' 'Ni 2'
RTZ non-polymer 10-{2-[(2R)-1-methylpiperidin-2-yl]ethyl}-2-(methylsulfanyl)-10H-phenothiazine 'C21 H26 N2 S2'
#
# COMPACT_ATOMS: atom_id res chain seq x y z
N LEU A 11 16.17 -1.25 23.02
CA LEU A 11 16.69 -1.75 24.30
C LEU A 11 16.26 -3.19 24.69
N PRO A 12 15.07 -3.66 24.27
CA PRO A 12 14.73 -5.05 24.63
C PRO A 12 15.77 -6.07 24.17
N PRO A 13 15.90 -7.18 24.92
CA PRO A 13 16.87 -8.22 24.56
C PRO A 13 16.30 -9.21 23.54
N GLY A 14 17.07 -9.47 22.48
CA GLY A 14 16.63 -10.35 21.42
C GLY A 14 17.69 -11.31 20.91
N PRO A 15 17.25 -12.44 20.32
CA PRO A 15 18.18 -13.37 19.68
C PRO A 15 18.90 -12.66 18.55
N LEU A 16 20.20 -12.90 18.38
CA LEU A 16 20.92 -12.23 17.31
C LEU A 16 20.37 -12.64 15.96
N PRO A 17 20.21 -11.68 15.05
CA PRO A 17 19.61 -12.01 13.76
C PRO A 17 20.64 -12.39 12.71
N LEU A 18 20.58 -13.63 12.22
CA LEU A 18 21.48 -14.04 11.15
C LEU A 18 21.17 -13.19 9.93
N PRO A 19 22.21 -12.73 9.22
CA PRO A 19 22.07 -11.83 8.07
C PRO A 19 21.12 -12.34 6.99
N GLY A 20 20.58 -11.41 6.22
CA GLY A 20 19.67 -11.73 5.13
C GLY A 20 18.22 -11.84 5.54
N LEU A 21 17.81 -13.05 5.95
CA LEU A 21 16.43 -13.31 6.34
C LEU A 21 16.10 -12.87 7.76
N GLY A 22 17.09 -12.38 8.50
CA GLY A 22 16.86 -12.00 9.88
C GLY A 22 16.83 -13.23 10.75
N ASN A 23 15.79 -13.38 11.57
CA ASN A 23 15.68 -14.57 12.41
C ASN A 23 14.37 -15.33 12.18
N LEU A 24 13.81 -15.21 10.98
CA LEU A 24 12.48 -15.74 10.71
C LEU A 24 12.55 -17.26 10.55
N LEU A 25 13.77 -17.78 10.51
CA LEU A 25 14.02 -19.20 10.62
C LEU A 25 13.86 -19.61 12.09
N HIS A 26 14.49 -18.84 12.97
CA HIS A 26 14.56 -19.15 14.39
C HIS A 26 13.18 -19.26 15.06
N VAL A 27 12.15 -18.76 14.38
CA VAL A 27 10.79 -18.82 14.89
C VAL A 27 9.93 -19.77 14.07
N ASP A 28 9.18 -20.64 14.74
CA ASP A 28 8.27 -21.56 14.07
C ASP A 28 6.89 -20.93 13.95
N PHE A 29 6.56 -20.51 12.73
CA PHE A 29 5.30 -19.81 12.47
C PHE A 29 4.08 -20.71 12.35
N GLN A 30 4.27 -22.03 12.45
CA GLN A 30 3.14 -22.95 12.45
C GLN A 30 2.83 -23.39 13.88
N ASN A 31 3.56 -22.82 14.83
CA ASN A 31 3.33 -23.03 16.25
C ASN A 31 3.91 -21.86 17.02
N THR A 32 3.65 -20.67 16.51
CA THR A 32 4.16 -19.41 17.05
C THR A 32 4.07 -19.20 18.58
N PRO A 33 2.86 -19.32 19.19
CA PRO A 33 2.77 -19.08 20.63
C PRO A 33 3.77 -19.86 21.48
N TYR A 34 4.17 -21.03 21.00
CA TYR A 34 5.13 -21.87 21.71
C TYR A 34 6.51 -21.22 21.72
N CYS A 35 6.99 -20.82 20.55
CA CYS A 35 8.32 -20.23 20.42
C CYS A 35 8.42 -18.90 21.18
N PHE A 36 7.34 -18.14 21.19
CA PHE A 36 7.31 -16.87 21.91
C PHE A 36 7.39 -17.09 23.42
N ASP A 37 6.93 -18.26 23.85
CA ASP A 37 6.99 -18.61 25.26
C ASP A 37 8.39 -19.15 25.57
N GLN A 38 8.98 -19.83 24.60
CA GLN A 38 10.33 -20.38 24.75
C GLN A 38 11.39 -19.28 24.69
N LEU A 39 11.01 -18.11 24.19
CA LEU A 39 11.92 -16.96 24.13
C LEU A 39 11.71 -16.08 25.34
N ARG A 40 10.48 -16.11 25.86
CA ARG A 40 10.12 -15.36 27.06
C ARG A 40 10.82 -15.92 28.30
N ARG A 41 11.31 -17.16 28.20
CA ARG A 41 12.00 -17.78 29.32
C ARG A 41 13.51 -17.52 29.35
N ARG A 42 14.09 -17.10 28.22
CA ARG A 42 15.48 -16.68 28.22
C ARG A 42 15.67 -15.17 28.23
N PHE A 43 14.90 -14.47 27.40
CA PHE A 43 15.00 -13.02 27.31
C PHE A 43 14.06 -12.27 28.25
N GLY A 44 13.16 -13.00 28.90
CA GLY A 44 12.23 -12.39 29.84
C GLY A 44 10.93 -11.89 29.26
N ASP A 45 10.21 -11.10 30.05
CA ASP A 45 8.84 -10.69 29.74
C ASP A 45 8.72 -9.88 28.46
N VAL A 46 9.66 -8.97 28.22
CA VAL A 46 9.66 -8.21 26.98
C VAL A 46 10.92 -8.48 26.16
N PHE A 47 10.72 -8.92 24.93
CA PHE A 47 11.83 -9.30 24.07
C PHE A 47 11.55 -8.87 22.64
N SER A 48 12.59 -8.76 21.84
CA SER A 48 12.46 -8.22 20.49
C SER A 48 13.14 -9.13 19.49
N LEU A 49 12.52 -9.29 18.32
CA LEU A 49 13.12 -10.08 17.26
C LEU A 49 13.09 -9.31 15.94
N GLN A 50 14.00 -9.66 15.04
CA GLN A 50 14.02 -9.07 13.71
C GLN A 50 13.59 -10.04 12.61
N LEU A 51 12.43 -9.80 12.00
CA LEU A 51 12.07 -10.47 10.76
C LEU A 51 12.54 -9.68 9.54
N ALA A 52 13.64 -10.12 8.92
CA ALA A 52 14.28 -9.38 7.84
C ALA A 52 14.51 -7.92 8.19
N TRP A 53 13.96 -7.01 7.39
CA TRP A 53 14.03 -5.59 7.69
C TRP A 53 13.19 -5.23 8.92
N THR A 54 11.99 -5.77 9.01
CA THR A 54 11.01 -5.37 10.03
C THR A 54 11.52 -5.53 11.46
N PRO A 55 11.27 -4.52 12.31
CA PRO A 55 11.56 -4.63 13.73
C PRO A 55 10.31 -5.09 14.50
N VAL A 56 10.49 -5.93 15.51
CA VAL A 56 9.37 -6.45 16.28
C VAL A 56 9.72 -6.47 17.76
N VAL A 57 8.72 -6.30 18.62
CA VAL A 57 8.90 -6.36 20.08
C VAL A 57 7.67 -7.01 20.69
N VAL A 58 7.80 -8.30 21.02
CA VAL A 58 6.70 -9.05 21.62
C VAL A 58 6.45 -8.61 23.06
N LEU A 59 5.19 -8.33 23.37
CA LEU A 59 4.80 -7.87 24.70
C LEU A 59 4.06 -8.95 25.47
N ASN A 60 4.70 -9.43 26.54
CA ASN A 60 4.12 -10.50 27.35
C ASN A 60 3.73 -10.01 28.74
N GLY A 61 2.69 -10.62 29.32
CA GLY A 61 2.23 -10.28 30.64
C GLY A 61 1.43 -8.99 30.73
N LEU A 62 0.40 -9.02 31.57
CA LEU A 62 -0.52 -7.90 31.80
C LEU A 62 0.12 -6.51 31.77
N ALA A 63 1.04 -6.27 32.69
CA ALA A 63 1.72 -4.98 32.82
C ALA A 63 2.27 -4.44 31.50
N ALA A 64 3.08 -5.23 30.82
CA ALA A 64 3.71 -4.81 29.56
C ALA A 64 2.69 -4.52 28.47
N VAL A 65 1.57 -5.24 28.50
CA VAL A 65 0.53 -5.08 27.48
C VAL A 65 -0.29 -3.82 27.76
N ARG A 66 -0.85 -3.73 28.96
CA ARG A 66 -1.65 -2.57 29.37
C ARG A 66 -0.91 -1.25 29.19
N GLU A 67 0.40 -1.26 29.37
CA GLU A 67 1.21 -0.05 29.25
C GLU A 67 1.25 0.46 27.82
N ALA A 68 1.43 -0.46 26.86
CA ALA A 68 1.47 -0.07 25.46
C ALA A 68 0.09 0.29 24.91
N LEU A 69 -0.88 -0.58 25.14
CA LEU A 69 -2.22 -0.40 24.59
C LEU A 69 -3.09 0.66 25.27
N VAL A 70 -2.92 0.83 26.59
CA VAL A 70 -3.73 1.80 27.31
C VAL A 70 -2.96 3.06 27.68
N THR A 71 -1.92 2.91 28.49
CA THR A 71 -1.09 4.03 28.92
C THR A 71 -0.54 4.82 27.74
N HIS A 72 0.16 4.13 26.84
CA HIS A 72 0.70 4.76 25.64
C HIS A 72 -0.17 4.44 24.43
N GLY A 73 -1.46 4.23 24.69
CA GLY A 73 -2.44 3.89 23.67
C GLY A 73 -2.51 4.82 22.47
N GLU A 74 -2.35 6.12 22.73
CA GLU A 74 -2.42 7.13 21.68
C GLU A 74 -1.30 6.98 20.64
N ASP A 75 -0.31 6.15 20.97
CA ASP A 75 0.85 5.99 20.09
C ASP A 75 1.07 4.55 19.65
N THR A 76 0.10 3.68 19.94
CA THR A 76 0.20 2.28 19.54
C THR A 76 -1.13 1.77 18.97
N ALA A 77 -1.95 2.69 18.51
CA ALA A 77 -3.24 2.33 17.93
C ALA A 77 -3.11 1.98 16.44
N ASP A 78 -2.00 2.38 15.84
CA ASP A 78 -1.81 2.19 14.40
C ASP A 78 -1.49 0.73 14.11
N ARG A 79 -1.63 0.34 12.85
CA ARG A 79 -1.37 -1.04 12.43
C ARG A 79 -0.22 -1.08 11.43
N PRO A 80 0.69 -2.06 11.59
CA PRO A 80 1.85 -2.18 10.71
C PRO A 80 1.45 -2.58 9.29
N PRO A 81 2.16 -2.05 8.29
CA PRO A 81 1.79 -2.34 6.90
C PRO A 81 2.05 -3.80 6.52
N VAL A 82 1.13 -4.36 5.73
CA VAL A 82 1.29 -5.73 5.22
C VAL A 82 1.52 -5.69 3.72
N PRO A 83 2.69 -6.14 3.26
CA PRO A 83 3.01 -6.20 1.83
C PRO A 83 2.08 -7.12 1.03
N ILE A 84 1.77 -8.29 1.58
CA ILE A 84 1.05 -9.32 0.83
C ILE A 84 -0.43 -8.98 0.63
N THR A 85 -0.88 -7.86 1.19
CA THR A 85 -2.28 -7.46 1.06
C THR A 85 -2.63 -7.12 -0.40
N GLN A 86 -1.60 -6.81 -1.19
CA GLN A 86 -1.75 -6.41 -2.59
C GLN A 86 -2.58 -7.39 -3.43
N ILE A 87 -2.42 -8.68 -3.18
CA ILE A 87 -3.17 -9.70 -3.91
C ILE A 87 -4.68 -9.54 -3.69
N LEU A 88 -5.07 -9.24 -2.45
CA LEU A 88 -6.45 -8.89 -2.15
C LEU A 88 -6.87 -7.63 -2.90
N GLY A 89 -5.91 -6.74 -3.12
CA GLY A 89 -6.14 -5.53 -3.89
C GLY A 89 -6.44 -4.32 -3.03
N PHE A 90 -5.95 -4.34 -1.79
CA PHE A 90 -6.18 -3.25 -0.86
C PHE A 90 -5.57 -1.93 -1.33
N GLY A 91 -6.25 -0.85 -1.00
CA GLY A 91 -5.81 0.49 -1.37
C GLY A 91 -5.94 1.40 -0.17
N PRO A 92 -5.35 2.59 -0.24
CA PRO A 92 -5.57 3.57 0.84
C PRO A 92 -7.05 3.92 0.92
N ARG A 93 -7.71 3.94 -0.24
CA ARG A 93 -9.13 4.20 -0.34
C ARG A 93 -9.96 3.19 0.45
N SER A 94 -9.68 1.91 0.22
CA SER A 94 -10.34 0.83 0.96
C SER A 94 -9.35 -0.03 1.75
N GLN A 95 -9.45 0.05 3.07
CA GLN A 95 -8.60 -0.77 3.94
C GLN A 95 -9.43 -1.60 4.92
N GLY A 96 -10.73 -1.36 4.95
CA GLY A 96 -11.59 -2.03 5.90
C GLY A 96 -11.40 -1.47 7.29
N VAL A 97 -11.69 -2.28 8.31
CA VAL A 97 -11.49 -1.87 9.68
C VAL A 97 -10.28 -2.56 10.28
N PHE A 98 -10.26 -3.89 10.14
CA PHE A 98 -9.35 -4.75 10.89
C PHE A 98 -7.88 -4.39 10.76
N LEU A 99 -7.43 -4.08 9.55
CA LEU A 99 -6.02 -3.74 9.35
C LEU A 99 -5.80 -2.30 8.90
N ALA A 100 -6.85 -1.49 8.92
CA ALA A 100 -6.76 -0.12 8.45
C ALA A 100 -5.82 0.68 9.36
N ARG A 101 -5.12 1.65 8.80
CA ARG A 101 -4.17 2.44 9.57
C ARG A 101 -4.92 3.44 10.45
N TYR A 102 -4.30 3.80 11.58
CA TYR A 102 -4.89 4.78 12.50
C TYR A 102 -5.09 6.11 11.79
N GLY A 103 -6.36 6.47 11.57
CA GLY A 103 -6.70 7.68 10.85
C GLY A 103 -8.20 7.84 10.72
N PRO A 104 -8.63 8.84 9.93
CA PRO A 104 -10.06 9.11 9.72
C PRO A 104 -10.78 7.99 8.98
N ALA A 105 -10.12 7.43 7.96
CA ALA A 105 -10.69 6.32 7.20
C ALA A 105 -11.02 5.14 8.10
N TRP A 106 -10.18 4.91 9.10
CA TRP A 106 -10.41 3.85 10.06
C TRP A 106 -11.49 4.22 11.07
N ARG A 107 -11.42 5.44 11.58
CA ARG A 107 -12.38 5.92 12.56
C ARG A 107 -13.78 6.00 11.96
N GLU A 108 -13.86 6.37 10.69
CA GLU A 108 -15.14 6.40 9.99
C GLU A 108 -15.80 5.03 9.99
N GLN A 109 -15.09 4.03 9.48
CA GLN A 109 -15.62 2.67 9.41
C GLN A 109 -15.80 2.05 10.79
N ARG A 110 -14.96 2.44 11.73
CA ARG A 110 -15.05 1.97 13.12
C ARG A 110 -16.30 2.52 13.78
N ARG A 111 -16.48 3.83 13.66
CA ARG A 111 -17.63 4.52 14.20
C ARG A 111 -18.93 4.10 13.53
N PHE A 112 -18.88 3.90 12.21
CA PHE A 112 -20.03 3.38 11.47
C PHE A 112 -20.43 1.97 11.88
N SER A 113 -19.43 1.10 12.06
CA SER A 113 -19.64 -0.28 12.49
C SER A 113 -20.46 -0.43 13.78
N VAL A 114 -19.94 0.11 14.88
CA VAL A 114 -20.60 -0.04 16.17
C VAL A 114 -21.93 0.70 16.23
N SER A 115 -22.02 1.83 15.53
CA SER A 115 -23.25 2.60 15.48
C SER A 115 -24.36 1.83 14.76
N THR A 116 -24.02 1.25 13.62
CA THR A 116 -24.99 0.57 12.78
C THR A 116 -25.54 -0.70 13.44
N LEU A 117 -24.71 -1.38 14.23
CA LEU A 117 -25.17 -2.61 14.88
C LEU A 117 -26.24 -2.36 15.93
N ARG A 118 -26.09 -1.26 16.67
CA ARG A 118 -27.00 -0.90 17.75
C ARG A 118 -28.48 -0.71 17.40
N ASN A 119 -28.80 0.10 16.40
CA ASN A 119 -30.18 0.19 15.96
C ASN A 119 -30.69 -1.10 15.30
N LEU A 120 -29.84 -1.75 14.50
CA LEU A 120 -30.22 -3.01 13.86
C LEU A 120 -30.72 -4.04 14.87
N LYS A 125 -32.64 -5.56 22.36
CA LYS A 125 -33.87 -6.31 22.54
C LYS A 125 -34.28 -7.02 21.24
N SER A 126 -34.33 -6.25 20.16
CA SER A 126 -34.67 -6.79 18.85
C SER A 126 -33.68 -7.87 18.40
N LEU A 127 -32.40 -7.57 18.54
CA LEU A 127 -31.35 -8.52 18.18
C LEU A 127 -31.33 -9.68 19.15
N GLU A 128 -31.63 -9.38 20.41
CA GLU A 128 -31.63 -10.37 21.49
C GLU A 128 -32.54 -11.53 21.15
N GLN A 129 -33.77 -11.21 20.73
CA GLN A 129 -34.73 -12.22 20.28
C GLN A 129 -34.22 -13.01 19.08
N TRP A 130 -33.48 -12.36 18.20
CA TRP A 130 -33.02 -13.00 16.97
C TRP A 130 -31.99 -14.10 17.24
N VAL A 131 -31.17 -13.91 18.28
CA VAL A 131 -30.17 -14.91 18.64
C VAL A 131 -30.86 -16.16 19.18
N THR A 132 -31.93 -15.97 19.94
CA THR A 132 -32.66 -17.08 20.55
C THR A 132 -33.40 -17.86 19.47
N GLU A 133 -33.89 -17.13 18.46
CA GLU A 133 -34.53 -17.75 17.31
C GLU A 133 -33.54 -18.71 16.65
N GLU A 134 -32.34 -18.21 16.35
CA GLU A 134 -31.29 -19.00 15.76
C GLU A 134 -30.86 -20.13 16.70
N ALA A 135 -30.88 -19.84 18.00
CA ALA A 135 -30.50 -20.80 19.02
C ALA A 135 -31.43 -22.01 18.99
N ALA A 136 -32.69 -21.78 18.61
CA ALA A 136 -33.66 -22.85 18.47
C ALA A 136 -33.21 -23.80 17.36
N CYS A 137 -33.12 -23.27 16.15
CA CYS A 137 -32.65 -24.01 14.98
C CYS A 137 -31.36 -24.80 15.25
N LEU A 138 -30.54 -24.29 16.17
CA LEU A 138 -29.31 -24.96 16.56
C LEU A 138 -29.64 -26.13 17.47
N CYS A 139 -30.39 -25.84 18.53
CA CYS A 139 -30.87 -26.84 19.48
C CYS A 139 -31.49 -28.03 18.76
N ALA A 140 -32.32 -27.74 17.75
CA ALA A 140 -32.98 -28.76 16.96
C ALA A 140 -31.96 -29.63 16.25
N ALA A 141 -31.06 -29.00 15.50
CA ALA A 141 -29.98 -29.69 14.79
C ALA A 141 -29.20 -30.60 15.72
N PHE A 142 -29.01 -30.13 16.96
CA PHE A 142 -28.33 -30.90 17.99
C PHE A 142 -29.15 -32.15 18.31
N ALA A 143 -30.39 -31.92 18.73
CA ALA A 143 -31.33 -32.98 19.07
C ALA A 143 -31.44 -34.07 18.00
N ASN A 144 -31.42 -33.66 16.73
CA ASN A 144 -31.55 -34.59 15.61
C ASN A 144 -30.39 -35.60 15.52
N HIS A 145 -29.49 -35.56 16.50
CA HIS A 145 -28.53 -36.63 16.71
C HIS A 145 -28.46 -36.93 18.21
N SER A 146 -29.56 -37.44 18.74
CA SER A 146 -29.73 -37.61 20.19
C SER A 146 -28.75 -38.60 20.81
N GLY A 147 -28.58 -39.76 20.17
CA GLY A 147 -27.75 -40.79 20.74
C GLY A 147 -26.35 -40.86 20.18
N ARG A 148 -26.23 -40.73 18.86
CA ARG A 148 -24.95 -40.83 18.19
C ARG A 148 -24.03 -39.68 18.58
N PRO A 149 -22.73 -39.97 18.77
CA PRO A 149 -21.70 -38.94 18.95
C PRO A 149 -21.51 -38.10 17.70
N PHE A 150 -21.27 -36.81 17.87
CA PHE A 150 -21.02 -35.93 16.73
C PHE A 150 -20.13 -34.74 17.08
N ARG A 151 -19.46 -34.21 16.06
CA ARG A 151 -18.62 -33.02 16.18
C ARG A 151 -19.49 -31.77 16.14
N PRO A 152 -19.68 -31.11 17.29
CA PRO A 152 -20.47 -29.88 17.34
C PRO A 152 -19.80 -28.64 16.75
N ASN A 153 -18.52 -28.75 16.36
CA ASN A 153 -17.80 -27.63 15.78
C ASN A 153 -18.53 -27.02 14.57
N GLY A 154 -18.89 -27.87 13.62
CA GLY A 154 -19.54 -27.43 12.39
C GLY A 154 -20.90 -26.76 12.58
N LEU A 155 -21.71 -27.32 13.49
CA LEU A 155 -23.03 -26.77 13.75
C LEU A 155 -22.96 -25.38 14.37
N LEU A 156 -22.19 -25.24 15.45
CA LEU A 156 -21.94 -23.95 16.07
C LEU A 156 -21.52 -22.90 15.04
N ASP A 157 -20.59 -23.29 14.17
CA ASP A 157 -20.13 -22.42 13.08
C ASP A 157 -21.31 -21.88 12.28
N LYS A 158 -22.25 -22.75 11.95
CA LYS A 158 -23.41 -22.37 11.15
C LYS A 158 -24.34 -21.43 11.90
N ALA A 159 -24.63 -21.77 13.15
CA ALA A 159 -25.52 -20.96 13.99
C ALA A 159 -25.00 -19.53 14.15
N VAL A 160 -23.76 -19.42 14.62
CA VAL A 160 -23.12 -18.13 14.83
C VAL A 160 -23.06 -17.31 13.53
N SER A 161 -22.75 -18.01 12.43
CA SER A 161 -22.61 -17.35 11.14
C SER A 161 -23.92 -16.73 10.66
N ASN A 162 -25.03 -17.33 11.04
CA ASN A 162 -26.34 -16.82 10.64
C ASN A 162 -26.70 -15.54 11.39
N VAL A 163 -26.10 -15.35 12.55
CA VAL A 163 -26.36 -14.15 13.34
C VAL A 163 -25.67 -12.96 12.70
N ILE A 164 -24.39 -13.13 12.37
CA ILE A 164 -23.63 -12.07 11.73
C ILE A 164 -24.08 -11.88 10.27
N ALA A 165 -24.68 -12.93 9.71
CA ALA A 165 -25.20 -12.85 8.34
C ALA A 165 -26.43 -11.95 8.33
N SER A 166 -27.34 -12.19 9.28
CA SER A 166 -28.51 -11.34 9.48
C SER A 166 -28.15 -9.87 9.50
N LEU A 167 -27.31 -9.50 10.46
CA LEU A 167 -26.88 -8.11 10.65
C LEU A 167 -26.21 -7.50 9.42
N THR A 168 -25.48 -8.31 8.65
CA THR A 168 -24.74 -7.80 7.50
C THR A 168 -25.37 -8.11 6.13
N CYS A 169 -25.88 -9.33 5.96
CA CYS A 169 -26.43 -9.74 4.68
C CYS A 169 -27.96 -9.69 4.64
N GLY A 170 -28.56 -9.34 5.77
CA GLY A 170 -30.01 -9.18 5.84
C GLY A 170 -30.81 -10.47 5.89
N ARG A 171 -30.15 -11.58 5.58
CA ARG A 171 -30.81 -12.88 5.61
C ARG A 171 -30.01 -13.91 6.39
N ARG A 172 -30.64 -15.04 6.68
CA ARG A 172 -29.95 -16.16 7.30
C ARG A 172 -29.88 -17.27 6.26
N PHE A 173 -29.04 -18.27 6.51
CA PHE A 173 -28.90 -19.36 5.55
C PHE A 173 -29.28 -20.70 6.15
N GLU A 174 -29.77 -21.61 5.30
CA GLU A 174 -30.13 -22.94 5.72
C GLU A 174 -28.86 -23.74 5.98
N TYR A 175 -28.90 -24.61 6.99
CA TYR A 175 -27.73 -25.41 7.35
C TYR A 175 -27.33 -26.37 6.23
N ASP A 176 -28.19 -26.51 5.23
CA ASP A 176 -27.95 -27.40 4.10
C ASP A 176 -27.47 -26.65 2.86
N ASP A 177 -27.68 -25.35 2.84
CA ASP A 177 -27.30 -24.49 1.72
C ASP A 177 -25.83 -24.68 1.33
N PRO A 178 -25.58 -25.03 0.07
CA PRO A 178 -24.22 -25.24 -0.46
C PRO A 178 -23.39 -23.97 -0.44
N ARG A 179 -23.98 -22.85 -0.84
CA ARG A 179 -23.29 -21.56 -0.85
C ARG A 179 -22.83 -21.19 0.56
N PHE A 180 -23.68 -21.46 1.53
CA PHE A 180 -23.40 -21.16 2.94
C PHE A 180 -22.21 -21.98 3.43
N LEU A 181 -22.29 -23.29 3.25
CA LEU A 181 -21.24 -24.20 3.70
C LEU A 181 -19.89 -23.93 3.01
N ARG A 182 -19.93 -23.41 1.79
CA ARG A 182 -18.70 -23.08 1.09
C ARG A 182 -18.06 -21.85 1.70
N LEU A 183 -18.89 -20.91 2.15
CA LEU A 183 -18.41 -19.72 2.83
C LEU A 183 -17.67 -20.10 4.10
N LEU A 184 -18.37 -20.83 4.96
CA LEU A 184 -17.81 -21.35 6.21
C LEU A 184 -16.45 -22.03 6.00
N ASP A 185 -16.40 -22.93 5.03
CA ASP A 185 -15.17 -23.67 4.73
C ASP A 185 -14.02 -22.72 4.37
N LEU A 186 -14.24 -21.89 3.34
CA LEU A 186 -13.25 -20.92 2.92
C LEU A 186 -12.81 -20.00 4.06
N ALA A 187 -13.77 -19.62 4.91
CA ALA A 187 -13.50 -18.78 6.07
C ALA A 187 -12.44 -19.39 6.98
N GLN A 188 -12.68 -20.61 7.44
CA GLN A 188 -11.74 -21.30 8.33
C GLN A 188 -10.40 -21.54 7.66
N GLU A 189 -10.42 -21.75 6.35
CA GLU A 189 -9.20 -22.09 5.62
C GLU A 189 -8.43 -20.82 5.32
N GLY A 190 -9.18 -19.75 5.05
CA GLY A 190 -8.62 -18.43 4.87
C GLY A 190 -7.97 -17.96 6.15
N LEU A 191 -8.62 -18.28 7.27
CA LEU A 191 -8.15 -17.87 8.59
C LEU A 191 -6.81 -18.50 8.95
N LYS A 192 -6.63 -19.77 8.58
CA LYS A 192 -5.36 -20.45 8.82
C LYS A 192 -4.25 -19.77 8.04
N GLU A 193 -4.60 -19.25 6.88
CA GLU A 193 -3.65 -18.63 5.95
C GLU A 193 -2.94 -17.45 6.60
N GLU A 194 -3.68 -16.74 7.45
CA GLU A 194 -3.15 -15.60 8.20
C GLU A 194 -1.83 -15.91 8.90
N SER A 195 -1.67 -17.17 9.32
CA SER A 195 -0.46 -17.58 10.02
C SER A 195 0.29 -18.65 9.23
N GLY A 196 1.61 -18.59 9.27
CA GLY A 196 2.44 -19.61 8.65
C GLY A 196 3.81 -19.10 8.24
N PHE A 197 4.63 -19.99 7.69
CA PHE A 197 5.97 -19.63 7.24
C PHE A 197 5.96 -18.77 5.98
N LEU A 198 5.15 -19.16 5.01
CA LEU A 198 5.20 -18.53 3.69
C LEU A 198 4.75 -17.08 3.71
N ARG A 199 3.77 -16.77 4.54
CA ARG A 199 3.24 -15.40 4.62
C ARG A 199 4.28 -14.43 5.17
N GLU A 200 4.92 -14.83 6.26
CA GLU A 200 5.92 -14.01 6.93
C GLU A 200 7.14 -13.70 6.06
N VAL A 201 7.66 -14.73 5.38
CA VAL A 201 8.84 -14.56 4.55
C VAL A 201 8.52 -13.84 3.23
N LEU A 202 7.27 -13.94 2.78
CA LEU A 202 6.88 -13.29 1.54
C LEU A 202 6.92 -11.78 1.73
N ASN A 203 6.38 -11.33 2.86
CA ASN A 203 6.29 -9.90 3.18
C ASN A 203 7.65 -9.24 3.13
N ALA A 204 8.60 -9.89 3.79
CA ALA A 204 9.97 -9.43 3.95
C ALA A 204 10.72 -9.13 2.64
N VAL A 205 10.63 -10.04 1.67
CA VAL A 205 11.45 -9.96 0.48
C VAL A 205 10.56 -9.92 -0.78
N PRO A 206 10.98 -9.18 -1.83
CA PRO A 206 10.14 -9.05 -3.02
C PRO A 206 9.90 -10.31 -3.85
N VAL A 207 10.25 -11.48 -3.31
CA VAL A 207 10.08 -12.73 -4.05
C VAL A 207 8.60 -12.93 -4.38
N LEU A 208 7.70 -12.42 -3.55
CA LEU A 208 6.26 -12.53 -3.82
C LEU A 208 5.92 -11.91 -5.17
N LEU A 209 6.49 -10.74 -5.45
CA LEU A 209 6.14 -9.96 -6.63
C LEU A 209 6.66 -10.58 -7.92
N HIS A 210 5.80 -10.63 -8.92
CA HIS A 210 6.09 -11.16 -10.26
C HIS A 210 6.44 -12.65 -10.22
N ILE A 211 6.12 -13.31 -9.10
CA ILE A 211 6.31 -14.76 -8.97
C ILE A 211 4.98 -15.41 -8.59
N PRO A 212 4.15 -15.71 -9.59
CA PRO A 212 2.76 -16.16 -9.43
C PRO A 212 2.64 -17.42 -8.59
N ALA A 213 3.64 -18.29 -8.71
CA ALA A 213 3.66 -19.59 -8.04
C ALA A 213 3.43 -19.52 -6.54
N LEU A 214 4.04 -18.54 -5.86
CA LEU A 214 3.81 -18.37 -4.43
C LEU A 214 2.74 -17.33 -4.10
N ALA A 215 2.78 -16.19 -4.80
CA ALA A 215 1.75 -15.16 -4.66
C ALA A 215 0.33 -15.71 -4.77
N GLY A 216 0.14 -16.67 -5.67
CA GLY A 216 -1.12 -17.37 -5.80
C GLY A 216 -1.51 -18.24 -4.62
N LYS A 217 -0.56 -19.02 -4.12
CA LYS A 217 -0.84 -20.03 -3.10
C LYS A 217 -1.17 -19.43 -1.75
N VAL A 218 -0.47 -18.35 -1.40
CA VAL A 218 -0.66 -17.68 -0.12
C VAL A 218 -1.83 -16.70 -0.16
N LEU A 219 -2.72 -16.81 0.83
CA LEU A 219 -3.94 -15.98 0.93
C LEU A 219 -5.00 -16.44 -0.06
N ARG A 220 -4.71 -17.55 -0.75
CA ARG A 220 -5.56 -18.08 -1.81
C ARG A 220 -7.03 -18.23 -1.39
N PHE A 221 -7.24 -18.89 -0.26
CA PHE A 221 -8.59 -19.14 0.24
C PHE A 221 -9.33 -17.83 0.54
N GLN A 222 -8.61 -16.86 1.10
CA GLN A 222 -9.21 -15.57 1.41
C GLN A 222 -9.69 -14.89 0.13
N LYS A 223 -8.90 -15.01 -0.93
CA LYS A 223 -9.29 -14.51 -2.24
C LYS A 223 -10.53 -15.21 -2.77
N ALA A 224 -10.57 -16.52 -2.60
CA ALA A 224 -11.76 -17.31 -2.95
C ALA A 224 -12.95 -16.96 -2.06
N PHE A 225 -12.65 -16.56 -0.83
CA PHE A 225 -13.69 -16.19 0.13
C PHE A 225 -14.32 -14.86 -0.25
N LEU A 226 -13.47 -13.89 -0.59
CA LEU A 226 -13.93 -12.55 -0.96
C LEU A 226 -14.80 -12.57 -2.22
N THR A 227 -14.38 -13.34 -3.22
CA THR A 227 -15.14 -13.40 -4.47
C THR A 227 -16.48 -14.12 -4.29
N GLN A 228 -16.60 -14.91 -3.23
CA GLN A 228 -17.87 -15.55 -2.92
C GLN A 228 -18.73 -14.57 -2.12
N LEU A 229 -18.07 -13.60 -1.49
CA LEU A 229 -18.75 -12.54 -0.79
C LEU A 229 -19.29 -11.53 -1.81
N ASP A 230 -18.44 -11.18 -2.77
CA ASP A 230 -18.77 -10.20 -3.81
C ASP A 230 -20.01 -10.68 -4.56
N GLU A 231 -20.09 -11.99 -4.75
CA GLU A 231 -21.25 -12.63 -5.35
C GLU A 231 -22.50 -12.29 -4.52
N LEU A 232 -22.43 -12.57 -3.22
CA LEU A 232 -23.53 -12.29 -2.31
C LEU A 232 -23.86 -10.80 -2.26
N LEU A 233 -22.84 -9.97 -2.32
CA LEU A 233 -23.01 -8.52 -2.23
C LEU A 233 -23.70 -7.96 -3.48
N THR A 234 -23.14 -8.26 -4.66
CA THR A 234 -23.72 -7.80 -5.92
C THR A 234 -25.15 -8.29 -6.04
N GLU A 235 -25.39 -9.51 -5.56
CA GLU A 235 -26.73 -10.07 -5.51
C GLU A 235 -27.59 -9.21 -4.60
N HIS A 236 -27.04 -8.90 -3.42
CA HIS A 236 -27.73 -8.09 -2.42
C HIS A 236 -27.85 -6.64 -2.89
N ARG A 237 -26.81 -6.14 -3.57
CA ARG A 237 -26.83 -4.77 -4.07
C ARG A 237 -27.92 -4.57 -5.11
N MET A 238 -28.05 -5.55 -6.00
CA MET A 238 -29.03 -5.51 -7.08
C MET A 238 -30.46 -5.29 -6.58
N THR A 239 -30.75 -5.82 -5.40
CA THR A 239 -32.10 -5.76 -4.86
C THR A 239 -32.34 -4.61 -3.87
N TRP A 240 -31.30 -3.86 -3.53
CA TRP A 240 -31.43 -2.75 -2.58
C TRP A 240 -32.38 -1.66 -3.06
N ASP A 241 -33.45 -1.43 -2.31
CA ASP A 241 -34.39 -0.36 -2.64
C ASP A 241 -34.22 0.81 -1.65
N PRO A 242 -33.69 1.94 -2.15
CA PRO A 242 -33.36 3.14 -1.37
C PRO A 242 -34.51 3.63 -0.48
N ALA A 243 -35.74 3.60 -1.00
CA ALA A 243 -36.90 4.11 -0.27
C ALA A 243 -37.18 3.35 1.03
N GLN A 244 -36.44 2.27 1.25
CA GLN A 244 -36.60 1.45 2.44
C GLN A 244 -35.42 1.61 3.39
N PRO A 245 -35.68 2.04 4.63
CA PRO A 245 -34.63 2.17 5.65
C PRO A 245 -33.86 0.86 5.78
N PRO A 246 -32.53 0.95 5.94
CA PRO A 246 -31.66 -0.22 6.04
C PRO A 246 -32.11 -1.25 7.07
N ARG A 247 -32.03 -2.52 6.70
CA ARG A 247 -32.41 -3.62 7.60
C ARG A 247 -31.16 -4.44 7.89
N ASP A 248 -30.08 -4.08 7.20
CA ASP A 248 -28.78 -4.73 7.37
C ASP A 248 -27.66 -3.78 7.06
N LEU A 249 -26.46 -4.12 7.54
CA LEU A 249 -25.29 -3.26 7.39
C LEU A 249 -24.96 -2.95 5.93
N THR A 250 -25.12 -3.95 5.06
CA THR A 250 -24.83 -3.76 3.63
C THR A 250 -25.65 -2.59 3.09
N GLU A 251 -26.97 -2.66 3.30
CA GLU A 251 -27.87 -1.59 2.89
C GLU A 251 -27.44 -0.27 3.51
N ALA A 252 -27.31 -0.26 4.83
CA ALA A 252 -26.84 0.90 5.57
C ALA A 252 -25.59 1.51 4.96
N PHE A 253 -24.67 0.65 4.53
CA PHE A 253 -23.44 1.10 3.90
C PHE A 253 -23.75 1.73 2.54
N LEU A 254 -24.66 1.10 1.81
CA LEU A 254 -25.04 1.59 0.48
C LEU A 254 -25.64 2.98 0.58
N ALA A 255 -26.44 3.21 1.62
CA ALA A 255 -27.05 4.50 1.87
C ALA A 255 -26.00 5.55 2.20
N GLU A 256 -24.88 5.12 2.76
CA GLU A 256 -23.78 6.02 3.07
C GLU A 256 -23.00 6.35 1.81
N MET A 257 -22.85 5.37 0.93
CA MET A 257 -22.17 5.58 -0.35
C MET A 257 -22.95 6.57 -1.20
N GLU A 258 -24.26 6.63 -0.99
CA GLU A 258 -25.11 7.57 -1.71
C GLU A 258 -24.99 8.95 -1.07
N LYS A 259 -25.12 8.98 0.25
CA LYS A 259 -25.00 10.21 1.02
C LYS A 259 -23.62 10.85 0.86
N ALA A 260 -22.60 10.03 0.64
CA ALA A 260 -21.23 10.52 0.52
C ALA A 260 -20.67 10.32 -0.89
N LYS A 261 -21.48 10.61 -1.90
CA LYS A 261 -20.98 10.69 -3.27
C LYS A 261 -20.31 12.03 -3.53
N GLY A 262 -20.45 12.95 -2.58
CA GLY A 262 -19.95 14.30 -2.72
C GLY A 262 -18.44 14.37 -2.90
N ASN A 263 -17.71 13.64 -2.06
CA ASN A 263 -16.26 13.60 -2.16
C ASN A 263 -15.73 12.18 -2.33
N PRO A 264 -14.72 12.02 -3.20
CA PRO A 264 -14.08 10.72 -3.43
C PRO A 264 -13.08 10.37 -2.33
N GLU A 265 -12.96 11.25 -1.33
CA GLU A 265 -12.05 11.03 -0.22
C GLU A 265 -12.69 10.16 0.86
N SER A 266 -14.02 10.14 0.87
CA SER A 266 -14.78 9.36 1.84
C SER A 266 -14.42 7.88 1.75
N SER A 267 -14.46 7.19 2.88
CA SER A 267 -14.13 5.77 2.93
C SER A 267 -15.32 4.91 2.56
N PHE A 268 -16.41 5.54 2.17
CA PHE A 268 -17.61 4.82 1.75
C PHE A 268 -17.62 4.65 0.23
N ASN A 269 -17.13 3.50 -0.22
CA ASN A 269 -17.00 3.22 -1.64
C ASN A 269 -17.08 1.73 -1.94
N ASP A 270 -17.36 1.39 -3.20
CA ASP A 270 -17.54 0.01 -3.63
C ASP A 270 -16.37 -0.88 -3.21
N GLU A 271 -15.17 -0.32 -3.23
CA GLU A 271 -13.97 -1.09 -2.87
C GLU A 271 -13.98 -1.46 -1.39
N ASN A 272 -14.45 -0.53 -0.55
CA ASN A 272 -14.46 -0.74 0.89
C ASN A 272 -15.59 -1.66 1.34
N LEU A 273 -16.75 -1.51 0.70
CA LEU A 273 -17.94 -2.30 1.02
C LEU A 273 -17.65 -3.79 1.19
N ARG A 274 -16.99 -4.39 0.20
CA ARG A 274 -16.66 -5.81 0.27
C ARG A 274 -15.71 -6.12 1.43
N ILE A 275 -14.71 -5.27 1.63
CA ILE A 275 -13.70 -5.50 2.66
C ILE A 275 -14.26 -5.31 4.07
N VAL A 276 -14.99 -4.22 4.28
CA VAL A 276 -15.62 -3.95 5.57
C VAL A 276 -16.58 -5.05 5.98
N VAL A 277 -17.53 -5.36 5.10
CA VAL A 277 -18.49 -6.44 5.35
C VAL A 277 -17.75 -7.76 5.61
N ALA A 278 -16.66 -7.98 4.89
CA ALA A 278 -15.83 -9.17 5.11
C ALA A 278 -15.24 -9.17 6.51
N ASP A 279 -14.79 -8.00 6.96
CA ASP A 279 -14.13 -7.88 8.25
C ASP A 279 -15.07 -8.28 9.38
N LEU A 280 -16.27 -7.72 9.35
CA LEU A 280 -17.29 -8.04 10.35
C LEU A 280 -17.87 -9.44 10.19
N PHE A 281 -18.17 -9.83 8.95
CA PHE A 281 -18.81 -11.12 8.69
C PHE A 281 -17.90 -12.28 9.07
N SER A 282 -16.63 -12.17 8.70
CA SER A 282 -15.67 -13.21 9.00
C SER A 282 -15.39 -13.28 10.51
N ALA A 283 -15.25 -12.12 11.13
CA ALA A 283 -14.85 -12.06 12.54
C ALA A 283 -15.91 -12.66 13.45
N GLY A 284 -17.17 -12.35 13.18
CA GLY A 284 -18.27 -12.89 13.95
C GLY A 284 -18.34 -14.39 13.79
N MET A 285 -18.07 -14.84 12.56
CA MET A 285 -18.24 -16.23 12.17
C MET A 285 -17.42 -17.24 12.98
N VAL A 286 -16.13 -16.97 13.16
CA VAL A 286 -15.25 -17.98 13.74
C VAL A 286 -14.91 -17.76 15.21
N THR A 287 -14.79 -16.50 15.61
CA THR A 287 -14.34 -16.17 16.97
C THR A 287 -15.30 -16.70 18.02
N THR A 288 -16.58 -16.36 17.87
CA THR A 288 -17.60 -16.80 18.80
C THR A 288 -17.83 -18.31 18.72
N SER A 289 -17.84 -18.83 17.49
CA SER A 289 -18.17 -20.22 17.25
C SER A 289 -17.11 -21.16 17.83
N THR A 290 -15.85 -20.74 17.73
CA THR A 290 -14.74 -21.50 18.31
C THR A 290 -14.85 -21.48 19.83
N THR A 291 -15.25 -20.34 20.37
CA THR A 291 -15.37 -20.18 21.81
C THR A 291 -16.45 -21.14 22.32
N LEU A 292 -17.54 -21.22 21.58
CA LEU A 292 -18.65 -22.10 21.91
C LEU A 292 -18.25 -23.57 21.77
N ALA A 293 -17.21 -23.81 20.97
CA ALA A 293 -16.69 -25.15 20.80
C ALA A 293 -15.84 -25.50 22.01
N TRP A 294 -15.09 -24.52 22.48
CA TRP A 294 -14.30 -24.67 23.70
C TRP A 294 -15.23 -24.83 24.89
N GLY A 295 -16.33 -24.09 24.87
CA GLY A 295 -17.32 -24.13 25.92
C GLY A 295 -17.84 -25.53 26.17
N LEU A 296 -18.45 -26.11 25.14
CA LEU A 296 -19.02 -27.46 25.22
C LEU A 296 -17.98 -28.48 25.66
N LEU A 297 -16.76 -28.33 25.14
CA LEU A 297 -15.66 -29.23 25.49
C LEU A 297 -15.38 -29.20 26.99
N LEU A 298 -15.10 -28.01 27.51
CA LEU A 298 -14.86 -27.84 28.95
C LEU A 298 -16.04 -28.25 29.84
N MET A 299 -17.19 -28.52 29.23
CA MET A 299 -18.36 -28.93 30.00
C MET A 299 -18.50 -30.46 30.05
N ILE A 300 -17.78 -31.15 29.17
CA ILE A 300 -17.81 -32.61 29.18
C ILE A 300 -16.59 -33.13 29.93
N LEU A 301 -15.53 -32.33 29.99
CA LEU A 301 -14.34 -32.67 30.76
C LEU A 301 -14.43 -32.09 32.17
N HIS A 302 -15.55 -31.44 32.46
CA HIS A 302 -15.81 -30.88 33.78
C HIS A 302 -17.31 -30.85 34.07
N PRO A 303 -18.00 -32.01 33.96
CA PRO A 303 -19.45 -32.07 34.22
C PRO A 303 -19.86 -31.44 35.54
N ASP A 304 -18.94 -31.41 36.51
CA ASP A 304 -19.21 -30.82 37.81
C ASP A 304 -19.53 -29.34 37.66
N VAL A 305 -18.86 -28.68 36.72
CA VAL A 305 -19.11 -27.28 36.44
C VAL A 305 -20.36 -27.15 35.57
N GLN A 306 -20.57 -28.15 34.71
CA GLN A 306 -21.75 -28.18 33.85
C GLN A 306 -23.04 -28.28 34.65
N ARG A 307 -23.04 -29.12 35.69
CA ARG A 307 -24.22 -29.34 36.51
C ARG A 307 -24.62 -28.07 37.26
N ARG A 308 -23.64 -27.44 37.90
CA ARG A 308 -23.84 -26.22 38.66
C ARG A 308 -24.51 -25.13 37.83
N VAL A 309 -24.02 -24.92 36.60
CA VAL A 309 -24.62 -23.96 35.70
C VAL A 309 -26.05 -24.38 35.37
N GLN A 310 -26.20 -25.61 34.90
CA GLN A 310 -27.50 -26.19 34.55
C GLN A 310 -28.61 -26.02 35.59
N GLN A 311 -28.28 -26.11 36.87
CA GLN A 311 -29.26 -25.82 37.91
C GLN A 311 -29.53 -24.32 38.04
N GLU A 312 -28.47 -23.52 38.05
CA GLU A 312 -28.61 -22.05 38.09
C GLU A 312 -29.58 -21.56 37.01
N ILE A 313 -29.47 -22.15 35.83
CA ILE A 313 -30.38 -21.86 34.72
C ILE A 313 -31.81 -22.16 35.12
N ASP A 314 -32.02 -23.35 35.69
CA ASP A 314 -33.35 -23.79 36.11
C ASP A 314 -33.90 -22.91 37.23
N ASP A 315 -33.00 -22.42 38.08
CA ASP A 315 -33.38 -21.55 39.19
C ASP A 315 -33.86 -20.18 38.73
N VAL A 316 -33.11 -19.54 37.83
CA VAL A 316 -33.52 -18.25 37.29
C VAL A 316 -34.35 -18.33 36.02
N ILE A 317 -33.78 -18.89 34.95
CA ILE A 317 -34.45 -18.92 33.65
C ILE A 317 -35.58 -19.94 33.60
N GLY A 318 -35.31 -21.14 34.09
CA GLY A 318 -36.28 -22.21 34.06
C GLY A 318 -36.08 -23.14 32.88
N GLN A 319 -36.66 -24.34 32.99
CA GLN A 319 -36.56 -25.38 31.96
C GLN A 319 -37.48 -25.13 30.75
N VAL A 320 -38.22 -24.02 30.75
CA VAL A 320 -39.21 -23.83 29.68
C VAL A 320 -39.06 -22.57 28.82
N ARG A 321 -38.71 -21.43 29.42
CA ARG A 321 -38.60 -20.20 28.64
C ARG A 321 -37.17 -19.93 28.17
N ARG A 322 -37.04 -19.40 26.96
CA ARG A 322 -35.74 -19.09 26.38
C ARG A 322 -35.02 -18.03 27.20
N PRO A 323 -33.70 -18.15 27.32
CA PRO A 323 -32.88 -17.19 28.07
C PRO A 323 -32.87 -15.78 27.47
N GLU A 324 -32.78 -14.79 28.33
CA GLU A 324 -32.73 -13.38 27.92
C GLU A 324 -31.57 -12.68 28.62
N MET A 325 -30.90 -11.77 27.91
CA MET A 325 -29.76 -11.02 28.44
C MET A 325 -29.98 -10.50 29.87
N GLY A 326 -31.22 -10.14 30.18
CA GLY A 326 -31.58 -9.67 31.51
C GLY A 326 -31.37 -10.69 32.61
N ASP A 327 -31.08 -11.93 32.23
CA ASP A 327 -30.87 -13.01 33.19
C ASP A 327 -29.42 -13.03 33.67
N GLN A 328 -28.51 -12.62 32.78
CA GLN A 328 -27.08 -12.59 33.07
C GLN A 328 -26.78 -11.91 34.40
N ALA A 329 -27.51 -10.84 34.69
CA ALA A 329 -27.37 -10.10 35.94
C ALA A 329 -27.58 -11.01 37.14
N HIS A 330 -28.61 -11.85 37.08
CA HIS A 330 -28.98 -12.73 38.19
C HIS A 330 -28.31 -14.10 38.12
N MET A 331 -27.32 -14.24 37.25
CA MET A 331 -26.62 -15.52 37.09
C MET A 331 -25.11 -15.32 37.16
N PRO A 332 -24.57 -15.31 38.39
CA PRO A 332 -23.14 -15.12 38.65
C PRO A 332 -22.24 -16.27 38.24
N TYR A 333 -22.72 -17.50 38.32
CA TYR A 333 -21.89 -18.65 37.98
C TYR A 333 -21.78 -18.85 36.47
N THR A 334 -22.92 -18.79 35.78
CA THR A 334 -22.93 -18.95 34.32
C THR A 334 -22.06 -17.90 33.66
N THR A 335 -22.08 -16.70 34.21
CA THR A 335 -21.28 -15.59 33.67
C THR A 335 -19.80 -15.82 33.92
N ALA A 336 -19.48 -16.33 35.11
CA ALA A 336 -18.09 -16.58 35.50
C ALA A 336 -17.50 -17.74 34.71
N VAL A 337 -18.34 -18.73 34.40
CA VAL A 337 -17.92 -19.88 33.59
C VAL A 337 -17.56 -19.44 32.19
N ILE A 338 -18.45 -18.67 31.56
CA ILE A 338 -18.25 -18.18 30.20
C ILE A 338 -16.96 -17.38 30.10
N HIS A 339 -16.78 -16.44 31.02
CA HIS A 339 -15.55 -15.65 31.06
C HIS A 339 -14.33 -16.54 31.28
N GLU A 340 -14.50 -17.60 32.05
CA GLU A 340 -13.42 -18.56 32.28
C GLU A 340 -13.16 -19.36 31.01
N VAL A 341 -14.23 -19.71 30.30
CA VAL A 341 -14.13 -20.43 29.04
C VAL A 341 -13.31 -19.62 28.03
N GLN A 342 -13.50 -18.31 28.05
CA GLN A 342 -12.77 -17.43 27.14
C GLN A 342 -11.31 -17.32 27.58
N ARG A 343 -11.11 -17.13 28.88
CA ARG A 343 -9.79 -17.00 29.46
C ARG A 343 -8.94 -18.26 29.24
N PHE A 344 -9.52 -19.41 29.56
CA PHE A 344 -8.83 -20.69 29.40
C PHE A 344 -8.75 -21.05 27.91
N GLY A 345 -9.83 -20.81 27.20
CA GLY A 345 -9.90 -21.05 25.76
C GLY A 345 -8.76 -20.40 25.01
N ASP A 346 -8.41 -19.18 25.43
CA ASP A 346 -7.32 -18.40 24.83
C ASP A 346 -7.40 -18.47 23.31
N ILE A 347 -8.52 -18.00 22.78
CA ILE A 347 -8.81 -18.11 21.36
C ILE A 347 -7.82 -17.34 20.49
N VAL A 348 -7.47 -16.12 20.89
CA VAL A 348 -6.51 -15.35 20.13
C VAL A 348 -5.29 -15.03 20.99
N PRO A 349 -4.30 -15.92 20.99
CA PRO A 349 -3.08 -15.84 21.80
C PRO A 349 -2.29 -14.55 21.58
N LEU A 350 -1.89 -14.29 20.34
CA LEU A 350 -1.04 -13.15 20.04
C LEU A 350 -1.83 -11.93 19.54
N GLY A 351 -3.15 -11.99 19.67
CA GLY A 351 -4.00 -10.89 19.25
C GLY A 351 -3.77 -10.49 17.81
N VAL A 352 -3.70 -9.18 17.58
CA VAL A 352 -3.46 -8.65 16.25
C VAL A 352 -2.30 -7.66 16.28
N THR A 353 -1.37 -7.81 15.35
CA THR A 353 -0.19 -6.96 15.24
C THR A 353 -0.49 -5.46 15.36
N HIS A 354 0.25 -4.78 16.22
CA HIS A 354 0.14 -3.32 16.37
C HIS A 354 1.44 -2.69 15.89
N MET A 355 1.48 -1.37 15.87
CA MET A 355 2.70 -0.65 15.51
C MET A 355 2.76 0.71 16.21
N THR A 356 3.95 1.10 16.63
CA THR A 356 4.12 2.35 17.34
C THR A 356 4.17 3.54 16.37
N SER A 357 3.35 4.55 16.66
CA SER A 357 3.29 5.75 15.83
C SER A 357 4.41 6.70 16.21
N ARG A 358 4.95 6.51 17.41
CA ARG A 358 6.03 7.34 17.92
C ARG A 358 6.81 6.51 18.95
N ASP A 359 7.92 7.05 19.45
CA ASP A 359 8.70 6.34 20.44
C ASP A 359 7.92 6.19 21.74
N ILE A 360 8.01 5.01 22.36
CA ILE A 360 7.32 4.74 23.61
C ILE A 360 8.20 3.95 24.56
N GLU A 361 7.81 3.91 25.83
CA GLU A 361 8.52 3.15 26.84
C GLU A 361 7.66 2.07 27.47
N VAL A 362 8.16 0.83 27.49
CA VAL A 362 7.45 -0.30 28.06
C VAL A 362 8.36 -1.13 28.96
N GLN A 363 7.94 -1.29 30.21
CA GLN A 363 8.69 -2.06 31.21
C GLN A 363 10.17 -1.67 31.27
N GLY A 364 10.43 -0.36 31.21
CA GLY A 364 11.80 0.13 31.28
C GLY A 364 12.41 0.37 29.92
N PHE A 365 12.43 -0.65 29.07
CA PHE A 365 13.00 -0.56 27.72
C PHE A 365 12.35 0.55 26.91
N ARG A 366 13.00 0.96 25.83
CA ARG A 366 12.45 1.98 24.97
C ARG A 366 12.20 1.44 23.56
N ILE A 367 10.94 1.49 23.14
CA ILE A 367 10.56 1.01 21.81
C ILE A 367 10.52 2.16 20.81
N PRO A 368 11.29 2.05 19.73
CA PRO A 368 11.34 3.10 18.70
C PRO A 368 10.10 3.11 17.81
N LYS A 369 9.88 4.23 17.12
CA LYS A 369 8.76 4.34 16.20
C LYS A 369 8.88 3.31 15.08
N GLY A 370 7.75 2.82 14.60
CA GLY A 370 7.75 1.86 13.51
C GLY A 370 7.99 0.43 13.91
N THR A 371 7.93 0.17 15.21
CA THR A 371 8.15 -1.17 15.71
C THR A 371 6.83 -1.93 15.74
N THR A 372 6.79 -3.07 15.08
CA THR A 372 5.59 -3.90 15.11
C THR A 372 5.45 -4.48 16.51
N LEU A 373 4.24 -4.40 17.05
CA LEU A 373 3.97 -4.90 18.39
C LEU A 373 3.13 -6.16 18.33
N ILE A 374 3.47 -7.14 19.17
CA ILE A 374 2.71 -8.37 19.23
C ILE A 374 2.23 -8.58 20.66
N THR A 375 1.01 -8.15 20.93
CA THR A 375 0.43 -8.29 22.26
C THR A 375 0.03 -9.73 22.50
N ASN A 376 0.80 -10.43 23.33
CA ASN A 376 0.53 -11.81 23.66
C ASN A 376 -0.56 -11.86 24.72
N LEU A 377 -1.82 -11.86 24.28
CA LEU A 377 -2.96 -11.87 25.18
C LEU A 377 -2.99 -13.12 26.05
N SER A 378 -2.34 -14.18 25.60
CA SER A 378 -2.31 -15.43 26.35
C SER A 378 -1.52 -15.22 27.64
N SER A 379 -0.39 -14.54 27.52
CA SER A 379 0.46 -14.22 28.66
C SER A 379 -0.26 -13.31 29.65
N VAL A 380 -1.32 -12.66 29.19
CA VAL A 380 -2.14 -11.81 30.05
C VAL A 380 -3.30 -12.63 30.63
N LEU A 381 -4.02 -13.32 29.76
CA LEU A 381 -5.12 -14.18 30.17
C LEU A 381 -4.65 -15.32 31.09
N LYS A 382 -3.34 -15.53 31.17
CA LYS A 382 -2.79 -16.59 31.99
C LYS A 382 -1.53 -16.11 32.71
N ASP A 383 -1.52 -14.83 33.07
CA ASP A 383 -0.40 -14.25 33.79
C ASP A 383 -0.29 -14.88 35.18
N GLU A 384 0.89 -15.39 35.49
CA GLU A 384 1.14 -16.08 36.77
C GLU A 384 0.83 -15.19 37.98
N ALA A 385 1.12 -13.90 37.85
CA ALA A 385 0.95 -12.96 38.95
C ALA A 385 -0.47 -12.42 39.08
N VAL A 386 -1.43 -13.07 38.44
CA VAL A 386 -2.81 -12.59 38.48
C VAL A 386 -3.81 -13.66 38.90
N TRP A 387 -3.81 -14.79 38.19
CA TRP A 387 -4.79 -15.84 38.45
C TRP A 387 -4.30 -16.84 39.48
N GLU A 388 -5.22 -17.34 40.30
CA GLU A 388 -4.91 -18.31 41.34
C GLU A 388 -4.47 -19.64 40.76
N LYS A 389 -5.23 -20.14 39.78
CA LYS A 389 -4.84 -21.33 39.04
C LYS A 389 -4.83 -21.05 37.54
N PRO A 390 -3.76 -20.39 37.06
CA PRO A 390 -3.58 -19.94 35.67
C PRO A 390 -3.95 -20.97 34.60
N PHE A 391 -3.30 -22.13 34.61
CA PHE A 391 -3.40 -23.07 33.51
C PHE A 391 -4.45 -24.16 33.70
N ARG A 392 -5.30 -24.00 34.71
CA ARG A 392 -6.38 -24.95 34.94
C ARG A 392 -7.74 -24.27 34.77
N PHE A 393 -8.76 -25.05 34.43
CA PHE A 393 -10.11 -24.52 34.25
C PHE A 393 -10.74 -24.27 35.62
N HIS A 394 -10.62 -23.05 36.11
CA HIS A 394 -11.10 -22.69 37.44
C HIS A 394 -12.06 -21.50 37.37
N PRO A 395 -13.36 -21.78 37.19
CA PRO A 395 -14.44 -20.78 37.11
C PRO A 395 -14.41 -19.75 38.23
N GLU A 396 -13.94 -20.16 39.41
CA GLU A 396 -13.86 -19.28 40.58
C GLU A 396 -12.90 -18.10 40.43
N HIS A 397 -12.31 -17.92 39.25
CA HIS A 397 -11.44 -16.77 39.00
C HIS A 397 -12.25 -15.50 38.82
N PHE A 398 -13.57 -15.64 38.75
CA PHE A 398 -14.46 -14.51 38.54
C PHE A 398 -15.50 -14.43 39.65
N LEU A 399 -15.24 -15.11 40.77
CA LEU A 399 -16.17 -15.11 41.89
C LEU A 399 -15.50 -14.70 43.20
N ASP A 400 -16.16 -13.83 43.96
CA ASP A 400 -15.67 -13.42 45.27
C ASP A 400 -16.22 -14.32 46.39
N ALA A 401 -16.01 -13.89 47.63
CA ALA A 401 -16.38 -14.65 48.81
C ALA A 401 -17.83 -15.11 48.88
N GLN A 402 -18.77 -14.17 48.71
CA GLN A 402 -20.19 -14.52 48.69
C GLN A 402 -20.64 -14.98 47.29
N GLY A 403 -19.70 -15.14 46.38
CA GLY A 403 -19.99 -15.72 45.09
C GLY A 403 -20.60 -14.78 44.07
N HIS A 404 -20.23 -13.50 44.15
CA HIS A 404 -20.72 -12.52 43.19
C HIS A 404 -19.68 -12.33 42.09
N PHE A 405 -20.13 -12.33 40.84
CA PHE A 405 -19.22 -12.22 39.70
C PHE A 405 -18.38 -10.94 39.72
N VAL A 406 -17.09 -11.10 39.39
CA VAL A 406 -16.15 -10.00 39.32
C VAL A 406 -15.14 -10.24 38.19
N LYS A 407 -15.07 -9.29 37.27
CA LYS A 407 -14.18 -9.41 36.12
C LYS A 407 -12.87 -8.66 36.32
N PRO A 408 -11.75 -9.40 36.49
CA PRO A 408 -10.43 -8.83 36.73
C PRO A 408 -9.88 -8.03 35.55
N GLU A 409 -8.92 -7.16 35.82
CA GLU A 409 -8.29 -6.34 34.78
C GLU A 409 -7.66 -7.20 33.70
N ALA A 410 -6.86 -8.18 34.13
CA ALA A 410 -6.14 -9.08 33.22
C ALA A 410 -7.02 -9.81 32.21
N PHE A 411 -8.34 -9.75 32.40
CA PHE A 411 -9.25 -10.37 31.45
C PHE A 411 -9.34 -9.55 30.17
N LEU A 412 -8.45 -9.82 29.24
CA LEU A 412 -8.39 -9.09 27.98
C LEU A 412 -8.46 -9.99 26.73
N PRO A 413 -9.50 -10.82 26.61
CA PRO A 413 -9.60 -11.65 25.40
C PRO A 413 -9.92 -10.80 24.18
N PHE A 414 -10.41 -9.59 24.43
CA PHE A 414 -10.78 -8.65 23.38
C PHE A 414 -9.71 -7.57 23.28
N SER A 415 -8.60 -7.78 23.98
CA SER A 415 -7.49 -6.84 24.05
C SER A 415 -7.92 -5.56 24.75
N ALA A 416 -7.26 -4.45 24.41
CA ALA A 416 -7.60 -3.15 24.98
C ALA A 416 -6.99 -2.03 24.14
N GLY A 417 -7.46 -0.81 24.38
CA GLY A 417 -6.97 0.33 23.63
C GLY A 417 -7.98 0.76 22.59
N ARG A 418 -7.61 1.71 21.74
CA ARG A 418 -8.48 2.20 20.69
C ARG A 418 -8.84 1.11 19.68
N ARG A 419 -8.00 0.08 19.59
CA ARG A 419 -8.22 -1.01 18.64
C ARG A 419 -8.97 -2.20 19.22
N ALA A 420 -9.31 -2.11 20.50
CA ALA A 420 -10.04 -3.18 21.20
C ALA A 420 -11.26 -3.64 20.40
N CYS A 421 -11.54 -4.94 20.46
CA CYS A 421 -12.65 -5.56 19.74
C CYS A 421 -13.95 -4.77 19.79
N LEU A 422 -14.43 -4.36 18.62
CA LEU A 422 -15.70 -3.65 18.52
C LEU A 422 -16.84 -4.63 18.32
N GLY A 423 -16.57 -5.91 18.62
CA GLY A 423 -17.57 -6.95 18.51
C GLY A 423 -17.89 -7.56 19.85
N GLU A 424 -17.18 -7.10 20.88
CA GLU A 424 -17.40 -7.56 22.26
C GLU A 424 -18.88 -7.59 22.67
N PRO A 425 -19.63 -6.48 22.45
CA PRO A 425 -21.05 -6.52 22.83
C PRO A 425 -21.81 -7.66 22.14
N LEU A 426 -21.63 -7.77 20.83
CA LEU A 426 -22.27 -8.83 20.05
C LEU A 426 -21.81 -10.19 20.56
N ALA A 427 -20.49 -10.35 20.73
CA ALA A 427 -19.90 -11.57 21.25
C ALA A 427 -20.51 -11.96 22.59
N ARG A 428 -20.54 -11.02 23.53
CA ARG A 428 -21.09 -11.24 24.85
C ARG A 428 -22.53 -11.76 24.76
N MET A 429 -23.32 -11.08 23.94
CA MET A 429 -24.71 -11.47 23.68
C MET A 429 -24.81 -12.89 23.14
N GLU A 430 -24.10 -13.13 22.04
CA GLU A 430 -24.09 -14.44 21.40
C GLU A 430 -23.68 -15.57 22.34
N LEU A 431 -22.56 -15.38 23.03
CA LEU A 431 -22.04 -16.38 23.96
C LEU A 431 -23.06 -16.82 25.00
N PHE A 432 -23.48 -15.89 25.86
CA PHE A 432 -24.42 -16.17 26.93
C PHE A 432 -25.70 -16.84 26.43
N LEU A 433 -26.29 -16.30 25.38
CA LEU A 433 -27.55 -16.81 24.87
C LEU A 433 -27.43 -18.21 24.29
N PHE A 434 -26.41 -18.44 23.45
CA PHE A 434 -26.20 -19.76 22.87
C PHE A 434 -25.79 -20.79 23.90
N PHE A 435 -24.84 -20.42 24.77
CA PHE A 435 -24.35 -21.30 25.81
C PHE A 435 -25.47 -21.82 26.71
N THR A 436 -26.22 -20.90 27.30
CA THR A 436 -27.32 -21.25 28.20
C THR A 436 -28.43 -22.02 27.50
N SER A 437 -28.82 -21.57 26.30
CA SER A 437 -29.88 -22.24 25.54
C SER A 437 -29.52 -23.70 25.28
N LEU A 438 -28.22 -23.96 25.11
CA LEU A 438 -27.74 -25.32 24.89
C LEU A 438 -27.84 -26.14 26.17
N LEU A 439 -27.21 -25.66 27.23
CA LEU A 439 -27.18 -26.38 28.50
C LEU A 439 -28.58 -26.50 29.14
N GLN A 440 -29.45 -25.53 28.87
CA GLN A 440 -30.81 -25.57 29.38
C GLN A 440 -31.57 -26.78 28.86
N HIS A 441 -31.52 -26.98 27.54
CA HIS A 441 -32.29 -28.04 26.90
C HIS A 441 -31.45 -29.31 26.65
N PHE A 442 -30.21 -29.31 27.12
CA PHE A 442 -29.31 -30.44 26.86
C PHE A 442 -28.33 -30.70 27.98
N SER A 443 -27.81 -31.92 28.02
CA SER A 443 -26.67 -32.27 28.86
C SER A 443 -25.64 -32.98 28.00
N PHE A 444 -24.39 -32.53 28.05
CA PHE A 444 -23.38 -33.05 27.15
C PHE A 444 -22.32 -33.86 27.89
N SER A 445 -22.06 -35.06 27.39
CA SER A 445 -21.08 -35.96 27.98
C SER A 445 -20.19 -36.54 26.90
N VAL A 446 -18.99 -36.97 27.28
CA VAL A 446 -18.14 -37.72 26.38
C VAL A 446 -18.83 -39.02 26.01
N PRO A 447 -18.65 -39.48 24.76
CA PRO A 447 -19.20 -40.78 24.37
C PRO A 447 -18.63 -41.89 25.24
N THR A 448 -19.47 -42.86 25.59
CA THR A 448 -19.13 -43.88 26.59
C THR A 448 -17.80 -44.57 26.30
N GLY A 449 -17.70 -45.19 25.12
CA GLY A 449 -16.48 -45.82 24.67
C GLY A 449 -15.26 -44.93 24.49
N GLN A 450 -15.48 -43.70 24.01
CA GLN A 450 -14.37 -42.83 23.62
C GLN A 450 -13.52 -42.43 24.83
N PRO A 451 -12.19 -42.28 24.62
CA PRO A 451 -11.29 -41.80 25.67
C PRO A 451 -11.36 -40.29 25.91
N ARG A 452 -10.69 -39.86 26.99
CA ARG A 452 -10.62 -38.45 27.39
C ARG A 452 -10.09 -37.51 26.31
N PRO A 453 -10.93 -36.57 25.85
CA PRO A 453 -10.49 -35.67 24.78
C PRO A 453 -9.50 -34.65 25.35
N SER A 454 -8.48 -34.29 24.59
CA SER A 454 -7.40 -33.43 25.09
C SER A 454 -7.83 -32.00 25.39
N HIS A 455 -7.29 -31.46 26.48
CA HIS A 455 -7.46 -30.06 26.85
C HIS A 455 -6.81 -29.14 25.81
N HIS A 456 -5.65 -29.55 25.31
CA HIS A 456 -4.84 -28.73 24.43
C HIS A 456 -5.50 -28.44 23.09
N GLY A 457 -5.18 -27.29 22.51
CA GLY A 457 -5.82 -26.83 21.29
C GLY A 457 -4.86 -26.64 20.12
N VAL A 458 -5.30 -27.04 18.94
CA VAL A 458 -4.51 -26.88 17.72
C VAL A 458 -4.38 -25.40 17.37
N PHE A 459 -3.27 -25.03 16.74
CA PHE A 459 -3.02 -23.63 16.44
C PHE A 459 -3.08 -23.32 14.94
N ALA A 460 -3.98 -22.39 14.60
CA ALA A 460 -4.10 -21.86 13.25
C ALA A 460 -4.44 -20.38 13.35
N PHE A 461 -3.47 -19.60 13.82
CA PHE A 461 -3.63 -18.19 14.18
C PHE A 461 -4.45 -18.07 15.46
N LEU A 462 -5.63 -18.66 15.46
CA LEU A 462 -6.44 -18.73 16.66
C LEU A 462 -6.58 -20.18 17.10
N VAL A 463 -6.32 -20.42 18.38
CA VAL A 463 -6.41 -21.77 18.94
C VAL A 463 -7.84 -22.28 18.93
N SER A 464 -8.01 -23.53 18.54
CA SER A 464 -9.32 -24.17 18.49
C SER A 464 -9.25 -25.51 19.21
N PRO A 465 -10.39 -25.95 19.79
CA PRO A 465 -10.38 -27.22 20.53
C PRO A 465 -10.04 -28.43 19.66
N SER A 466 -8.98 -29.14 20.05
CA SER A 466 -8.54 -30.35 19.34
C SER A 466 -9.73 -31.26 19.06
N PRO A 467 -9.75 -31.89 17.88
CA PRO A 467 -10.95 -32.60 17.41
C PRO A 467 -11.47 -33.59 18.44
N TYR A 468 -12.77 -33.51 18.69
CA TYR A 468 -13.40 -34.33 19.71
C TYR A 468 -14.87 -34.54 19.39
N GLU A 469 -15.47 -35.55 20.01
CA GLU A 469 -16.89 -35.82 19.81
C GLU A 469 -17.62 -35.89 21.14
N LEU A 470 -18.91 -35.63 21.10
CA LEU A 470 -19.76 -35.70 22.28
C LEU A 470 -21.17 -36.09 21.85
N CYS A 471 -21.96 -36.60 22.79
CA CYS A 471 -23.37 -36.83 22.51
C CYS A 471 -24.26 -35.92 23.34
N ALA A 472 -25.39 -35.52 22.75
CA ALA A 472 -26.27 -34.55 23.37
C ALA A 472 -27.60 -35.20 23.69
N VAL A 473 -28.03 -35.10 24.95
CA VAL A 473 -29.30 -35.69 25.34
C VAL A 473 -30.17 -34.70 26.13
N PRO A 474 -31.48 -34.69 25.83
CA PRO A 474 -32.42 -33.74 26.40
C PRO A 474 -32.64 -33.96 27.89
N ARG A 475 -33.26 -33.00 28.55
CA ARG A 475 -33.35 -32.99 30.00
C ARG A 475 -34.80 -33.09 30.47
N LEU B 11 21.49 10.73 12.15
CA LEU B 11 20.83 9.70 12.94
C LEU B 11 19.36 9.56 12.55
N PRO B 12 19.09 8.89 11.42
CA PRO B 12 17.73 8.67 10.93
C PRO B 12 17.17 7.28 11.25
N PRO B 13 15.84 7.18 11.40
CA PRO B 13 15.14 5.92 11.69
C PRO B 13 14.97 5.07 10.45
N GLY B 14 14.95 3.75 10.62
CA GLY B 14 14.82 2.85 9.50
C GLY B 14 15.08 1.41 9.91
N PRO B 15 14.74 0.45 9.04
CA PRO B 15 14.81 -0.96 9.42
C PRO B 15 16.23 -1.38 9.76
N LEU B 16 16.37 -2.29 10.72
CA LEU B 16 17.68 -2.71 11.20
C LEU B 16 18.60 -3.15 10.06
N PRO B 17 19.89 -2.81 10.16
CA PRO B 17 20.87 -3.18 9.13
C PRO B 17 21.52 -4.54 9.38
N LEU B 18 21.37 -5.45 8.43
CA LEU B 18 21.97 -6.78 8.54
C LEU B 18 23.36 -6.78 7.90
N PRO B 19 24.30 -7.50 8.52
CA PRO B 19 25.70 -7.51 8.05
C PRO B 19 25.85 -8.06 6.63
N GLY B 20 25.09 -9.10 6.30
CA GLY B 20 25.19 -9.72 5.00
C GLY B 20 24.31 -9.09 3.95
N LEU B 21 24.93 -8.28 3.09
CA LEU B 21 24.31 -7.71 1.89
C LEU B 21 23.39 -6.52 2.20
N GLY B 22 23.20 -6.24 3.49
CA GLY B 22 22.40 -5.11 3.90
C GLY B 22 20.91 -5.27 3.67
N ASN B 23 20.21 -4.14 3.61
CA ASN B 23 18.76 -4.12 3.37
C ASN B 23 18.40 -4.42 1.93
N LEU B 24 19.41 -4.59 1.08
CA LEU B 24 19.21 -4.67 -0.37
C LEU B 24 18.28 -5.82 -0.76
N LEU B 25 18.32 -6.91 0.01
CA LEU B 25 17.47 -8.06 -0.26
C LEU B 25 15.99 -7.72 -0.04
N HIS B 26 15.71 -7.00 1.04
CA HIS B 26 14.35 -6.69 1.44
C HIS B 26 13.60 -5.77 0.48
N VAL B 27 14.28 -4.75 -0.02
CA VAL B 27 13.68 -3.74 -0.90
C VAL B 27 13.23 -4.32 -2.24
N ASP B 28 12.12 -3.83 -2.77
CA ASP B 28 11.66 -4.24 -4.10
C ASP B 28 11.77 -3.06 -5.07
N PHE B 29 12.50 -3.29 -6.16
CA PHE B 29 12.73 -2.23 -7.12
C PHE B 29 11.83 -2.32 -8.34
N GLN B 30 10.96 -3.31 -8.36
CA GLN B 30 10.03 -3.50 -9.48
C GLN B 30 8.79 -2.64 -9.20
N ASN B 31 8.71 -2.15 -7.97
CA ASN B 31 7.64 -1.28 -7.51
C ASN B 31 8.14 -0.46 -6.32
N THR B 32 9.27 0.22 -6.53
CA THR B 32 9.93 0.98 -5.48
C THR B 32 9.09 2.06 -4.75
N PRO B 33 8.41 2.97 -5.49
CA PRO B 33 7.68 4.04 -4.79
C PRO B 33 6.64 3.54 -3.78
N TYR B 34 6.12 2.33 -3.98
CA TYR B 34 5.14 1.78 -3.07
C TYR B 34 5.79 1.40 -1.74
N CYS B 35 6.90 0.67 -1.81
CA CYS B 35 7.60 0.25 -0.61
C CYS B 35 8.19 1.43 0.16
N PHE B 36 8.64 2.45 -0.58
CA PHE B 36 9.18 3.65 0.05
C PHE B 36 8.05 4.42 0.71
N ASP B 37 6.83 4.16 0.27
CA ASP B 37 5.65 4.77 0.87
C ASP B 37 5.16 3.88 2.00
N GLN B 38 5.43 2.58 1.87
CA GLN B 38 5.09 1.63 2.93
C GLN B 38 6.10 1.72 4.06
N LEU B 39 7.26 2.31 3.78
CA LEU B 39 8.31 2.48 4.77
C LEU B 39 8.17 3.81 5.49
N ARG B 40 7.71 4.83 4.78
CA ARG B 40 7.54 6.15 5.40
C ARG B 40 6.40 6.07 6.40
N ARG B 41 5.41 5.24 6.13
CA ARG B 41 4.34 5.01 7.09
C ARG B 41 4.95 4.52 8.40
N ARG B 42 5.76 3.48 8.30
CA ARG B 42 6.42 2.88 9.45
C ARG B 42 7.44 3.79 10.17
N PHE B 43 8.29 4.51 9.45
CA PHE B 43 9.35 5.28 10.12
C PHE B 43 9.28 6.78 9.90
N GLY B 44 8.46 7.21 8.95
CA GLY B 44 8.18 8.62 8.79
C GLY B 44 9.03 9.28 7.74
N ASP B 45 8.95 10.60 7.69
CA ASP B 45 9.79 11.43 6.85
C ASP B 45 11.28 11.29 7.19
N VAL B 46 12.11 11.17 6.14
CA VAL B 46 13.57 11.03 6.23
C VAL B 46 14.10 9.63 6.65
N PHE B 47 13.34 8.57 6.41
CA PHE B 47 13.78 7.26 6.89
C PHE B 47 15.05 6.88 6.12
N SER B 48 15.78 5.87 6.60
CA SER B 48 17.04 5.50 5.94
C SER B 48 17.20 4.00 5.65
N LEU B 49 17.81 3.71 4.51
CA LEU B 49 18.10 2.34 4.10
C LEU B 49 19.61 2.16 3.94
N GLN B 50 20.11 0.96 4.17
CA GLN B 50 21.44 0.60 3.73
C GLN B 50 21.43 -0.48 2.64
N LEU B 51 21.98 -0.14 1.48
CA LEU B 51 22.08 -1.10 0.39
C LEU B 51 23.52 -1.55 0.26
N ALA B 52 23.78 -2.81 0.60
CA ALA B 52 25.13 -3.35 0.72
C ALA B 52 25.94 -2.47 1.68
N TRP B 53 27.15 -2.11 1.27
CA TRP B 53 27.93 -1.12 2.01
C TRP B 53 27.25 0.24 2.06
N THR B 54 26.90 0.76 0.88
CA THR B 54 26.44 2.14 0.74
C THR B 54 25.23 2.49 1.61
N PRO B 55 25.26 3.68 2.22
CA PRO B 55 24.15 4.18 3.04
C PRO B 55 23.19 5.06 2.22
N VAL B 56 21.91 4.99 2.54
CA VAL B 56 20.90 5.76 1.81
C VAL B 56 19.93 6.44 2.78
N VAL B 57 19.38 7.58 2.38
CA VAL B 57 18.39 8.29 3.19
C VAL B 57 17.31 8.88 2.29
N VAL B 58 16.14 8.23 2.28
CA VAL B 58 15.01 8.69 1.48
C VAL B 58 14.38 9.94 2.10
N LEU B 59 14.14 10.96 1.27
CA LEU B 59 13.59 12.22 1.75
C LEU B 59 12.14 12.43 1.31
N ASN B 60 11.23 12.38 2.27
CA ASN B 60 9.81 12.53 1.99
C ASN B 60 9.26 13.88 2.41
N GLY B 61 8.28 14.38 1.66
CA GLY B 61 7.64 15.65 1.98
C GLY B 61 8.47 16.86 1.61
N LEU B 62 7.79 17.91 1.16
CA LEU B 62 8.42 19.16 0.72
C LEU B 62 9.54 19.63 1.65
N ALA B 63 9.23 19.77 2.93
CA ALA B 63 10.17 20.25 3.94
C ALA B 63 11.54 19.57 3.89
N ALA B 64 11.55 18.25 4.05
CA ALA B 64 12.80 17.48 4.05
C ALA B 64 13.55 17.60 2.73
N VAL B 65 12.80 17.71 1.64
CA VAL B 65 13.39 17.85 0.32
C VAL B 65 14.01 19.24 0.13
N ARG B 66 13.17 20.28 0.25
CA ARG B 66 13.63 21.66 0.12
C ARG B 66 14.83 21.95 1.01
N GLU B 67 14.84 21.39 2.21
CA GLU B 67 15.91 21.62 3.17
C GLU B 67 17.23 21.06 2.62
N ALA B 68 17.19 19.83 2.12
CA ALA B 68 18.39 19.19 1.59
C ALA B 68 18.81 19.78 0.24
N LEU B 69 17.86 19.95 -0.67
CA LEU B 69 18.15 20.43 -2.01
C LEU B 69 18.38 21.94 -2.14
N VAL B 70 17.66 22.73 -1.35
CA VAL B 70 17.79 24.18 -1.46
C VAL B 70 18.69 24.75 -0.34
N THR B 71 18.22 24.64 0.90
CA THR B 71 18.95 25.15 2.06
C THR B 71 20.41 24.66 2.07
N HIS B 72 20.59 23.35 2.02
CA HIS B 72 21.92 22.75 2.02
C HIS B 72 22.29 22.32 0.60
N GLY B 73 21.89 23.12 -0.38
CA GLY B 73 21.97 22.77 -1.77
C GLY B 73 23.36 22.45 -2.31
N GLU B 74 24.35 23.21 -1.89
CA GLU B 74 25.72 22.99 -2.33
C GLU B 74 26.25 21.64 -1.82
N ASP B 75 25.79 21.27 -0.63
CA ASP B 75 26.23 20.02 0.00
C ASP B 75 25.57 18.79 -0.61
N THR B 76 24.48 19.01 -1.35
CA THR B 76 23.68 17.91 -1.87
C THR B 76 23.49 17.98 -3.38
N ALA B 77 24.38 18.70 -4.05
CA ALA B 77 24.29 18.87 -5.50
C ALA B 77 25.17 17.84 -6.19
N ASP B 78 25.84 17.01 -5.41
CA ASP B 78 26.73 15.99 -5.95
C ASP B 78 25.92 14.75 -6.37
N ARG B 79 26.60 13.75 -6.92
CA ARG B 79 25.95 12.53 -7.40
C ARG B 79 26.73 11.32 -6.92
N PRO B 80 26.02 10.27 -6.46
CA PRO B 80 26.68 9.06 -5.96
C PRO B 80 27.29 8.25 -7.09
N PRO B 81 28.42 7.58 -6.83
CA PRO B 81 29.06 6.76 -7.87
C PRO B 81 28.16 5.63 -8.36
N VAL B 82 28.16 5.39 -9.66
CA VAL B 82 27.38 4.33 -10.26
C VAL B 82 28.27 3.38 -11.06
N PRO B 83 28.88 2.40 -10.37
CA PRO B 83 29.78 1.40 -10.96
C PRO B 83 29.31 0.84 -12.30
N ILE B 84 28.09 0.31 -12.35
CA ILE B 84 27.51 -0.28 -13.55
C ILE B 84 27.72 0.51 -14.84
N THR B 85 28.03 1.80 -14.72
CA THR B 85 28.20 2.65 -15.88
C THR B 85 29.62 2.64 -16.44
N GLN B 86 30.44 1.71 -15.98
CA GLN B 86 31.78 1.58 -16.55
C GLN B 86 31.65 1.01 -17.95
N ILE B 87 30.61 0.20 -18.12
CA ILE B 87 30.29 -0.43 -19.40
C ILE B 87 30.11 0.60 -20.53
N LEU B 88 29.39 1.67 -20.22
CA LEU B 88 29.03 2.68 -21.22
C LEU B 88 30.17 3.65 -21.53
N GLY B 89 31.37 3.38 -21.01
CA GLY B 89 32.53 4.19 -21.29
C GLY B 89 32.69 5.43 -20.45
N PHE B 90 32.02 5.48 -19.31
CA PHE B 90 32.15 6.61 -18.38
C PHE B 90 33.56 6.74 -17.81
N GLY B 91 34.01 7.99 -17.70
CA GLY B 91 35.36 8.29 -17.24
C GLY B 91 35.34 9.60 -16.48
N PRO B 92 36.42 9.89 -15.74
CA PRO B 92 36.55 11.15 -15.00
C PRO B 92 36.35 12.39 -15.88
N ARG B 93 36.92 12.38 -17.09
CA ARG B 93 36.74 13.48 -18.02
C ARG B 93 35.50 13.32 -18.88
N SER B 94 34.91 12.13 -18.86
CA SER B 94 33.71 11.84 -19.64
C SER B 94 32.60 11.29 -18.74
N GLN B 95 31.75 12.17 -18.22
CA GLN B 95 30.70 11.76 -17.32
C GLN B 95 29.30 12.06 -17.85
N GLY B 96 29.20 13.04 -18.75
CA GLY B 96 27.90 13.47 -19.22
C GLY B 96 27.32 14.39 -18.17
N VAL B 97 26.22 15.07 -18.49
CA VAL B 97 25.57 15.93 -17.51
C VAL B 97 24.89 15.16 -16.38
N PHE B 98 24.11 14.15 -16.74
CA PHE B 98 23.18 13.51 -15.82
C PHE B 98 23.80 12.80 -14.61
N LEU B 99 24.87 12.03 -14.85
CA LEU B 99 25.48 11.26 -13.77
C LEU B 99 26.83 11.79 -13.30
N ALA B 100 27.19 12.99 -13.75
CA ALA B 100 28.47 13.58 -13.39
C ALA B 100 28.56 13.86 -11.89
N ARG B 101 29.69 13.52 -11.30
CA ARG B 101 29.95 13.85 -9.90
C ARG B 101 30.22 15.36 -9.84
N TYR B 102 29.88 15.99 -8.73
CA TYR B 102 30.01 17.44 -8.61
C TYR B 102 31.44 17.89 -8.87
N GLY B 103 31.59 18.88 -9.74
CA GLY B 103 32.91 19.36 -10.11
C GLY B 103 32.84 20.18 -11.39
N PRO B 104 34.00 20.49 -11.97
CA PRO B 104 34.11 21.25 -13.21
C PRO B 104 33.54 20.51 -14.41
N ALA B 105 33.84 19.21 -14.53
CA ALA B 105 33.34 18.38 -15.61
C ALA B 105 31.83 18.51 -15.76
N TRP B 106 31.14 18.56 -14.62
CA TRP B 106 29.69 18.72 -14.63
C TRP B 106 29.33 20.17 -14.94
N ARG B 107 30.03 21.10 -14.31
CA ARG B 107 29.78 22.52 -14.50
C ARG B 107 29.98 22.93 -15.96
N GLU B 108 31.11 22.50 -16.53
CA GLU B 108 31.44 22.79 -17.92
C GLU B 108 30.33 22.32 -18.85
N GLN B 109 29.94 21.04 -18.71
CA GLN B 109 28.90 20.45 -19.53
C GLN B 109 27.51 21.06 -19.27
N ARG B 110 27.24 21.41 -18.01
CA ARG B 110 25.95 21.99 -17.66
C ARG B 110 25.76 23.39 -18.23
N ARG B 111 26.77 24.24 -18.08
CA ARG B 111 26.70 25.61 -18.58
C ARG B 111 26.62 25.60 -20.10
N PHE B 112 27.37 24.69 -20.71
CA PHE B 112 27.36 24.53 -22.17
C PHE B 112 25.96 24.21 -22.68
N SER B 113 25.33 23.19 -22.08
CA SER B 113 24.00 22.75 -22.48
C SER B 113 22.94 23.85 -22.47
N VAL B 114 22.75 24.48 -21.32
CA VAL B 114 21.72 25.51 -21.17
C VAL B 114 22.00 26.71 -22.08
N SER B 115 23.26 27.10 -22.20
CA SER B 115 23.65 28.22 -23.04
C SER B 115 23.46 27.91 -24.52
N THR B 116 24.02 26.78 -24.96
CA THR B 116 23.90 26.35 -26.35
C THR B 116 22.44 26.24 -26.79
N LEU B 117 21.66 25.50 -26.03
CA LEU B 117 20.23 25.32 -26.31
C LEU B 117 19.51 26.65 -26.42
N ARG B 118 19.82 27.57 -25.50
CA ARG B 118 19.20 28.89 -25.50
C ARG B 118 19.56 29.66 -26.77
N ASN B 119 20.81 29.49 -27.21
CA ASN B 119 21.30 30.19 -28.39
C ASN B 119 20.53 29.82 -29.65
N LEU B 120 20.20 28.54 -29.78
CA LEU B 120 19.46 28.05 -30.93
C LEU B 120 17.97 28.37 -30.81
N SER B 126 11.90 31.40 -33.11
CA SER B 126 13.03 30.61 -33.56
C SER B 126 12.92 29.16 -33.07
N LEU B 127 13.32 28.93 -31.83
CA LEU B 127 13.24 27.60 -31.22
C LEU B 127 11.80 27.12 -31.15
N GLU B 128 10.92 28.00 -30.69
CA GLU B 128 9.50 27.67 -30.56
C GLU B 128 8.89 27.33 -31.92
N GLN B 129 9.32 28.06 -32.95
CA GLN B 129 8.78 27.91 -34.29
C GLN B 129 8.95 26.47 -34.81
N TRP B 130 10.10 25.88 -34.56
CA TRP B 130 10.36 24.50 -34.96
C TRP B 130 9.35 23.54 -34.32
N VAL B 131 9.02 23.78 -33.04
CA VAL B 131 8.02 22.99 -32.35
C VAL B 131 6.71 23.00 -33.14
N THR B 132 6.19 24.21 -33.38
CA THR B 132 4.93 24.40 -34.10
C THR B 132 4.95 23.62 -35.41
N GLU B 133 6.08 23.67 -36.10
CA GLU B 133 6.29 22.92 -37.33
C GLU B 133 6.07 21.43 -37.08
N GLU B 134 6.75 20.91 -36.05
CA GLU B 134 6.62 19.51 -35.69
C GLU B 134 5.22 19.21 -35.14
N ALA B 135 4.63 20.21 -34.48
CA ALA B 135 3.29 20.09 -33.94
C ALA B 135 2.30 19.79 -35.05
N ALA B 136 2.57 20.34 -36.24
CA ALA B 136 1.74 20.09 -37.41
C ALA B 136 1.81 18.62 -37.79
N CYS B 137 3.01 18.16 -38.14
CA CYS B 137 3.28 16.76 -38.46
C CYS B 137 2.61 15.79 -37.48
N LEU B 138 2.49 16.22 -36.22
CA LEU B 138 1.83 15.42 -35.20
C LEU B 138 0.33 15.40 -35.45
N CYS B 139 -0.26 16.60 -35.50
CA CYS B 139 -1.69 16.78 -35.79
C CYS B 139 -2.14 15.95 -36.98
N ALA B 140 -1.31 15.94 -38.03
CA ALA B 140 -1.58 15.17 -39.24
C ALA B 140 -1.69 13.69 -38.93
N ALA B 141 -0.64 13.14 -38.31
CA ALA B 141 -0.59 11.72 -37.97
C ALA B 141 -1.79 11.30 -37.13
N PHE B 142 -2.29 12.21 -36.30
CA PHE B 142 -3.49 11.95 -35.51
C PHE B 142 -4.69 11.88 -36.44
N ALA B 143 -4.91 12.97 -37.17
CA ALA B 143 -6.01 13.07 -38.13
C ALA B 143 -6.04 11.88 -39.07
N ASN B 144 -4.86 11.41 -39.49
CA ASN B 144 -4.74 10.27 -40.39
C ASN B 144 -5.23 8.96 -39.78
N HIS B 145 -5.91 9.04 -38.64
CA HIS B 145 -6.53 7.89 -37.98
C HIS B 145 -7.95 8.27 -37.58
N SER B 146 -8.76 8.63 -38.58
CA SER B 146 -10.11 9.12 -38.35
C SER B 146 -11.05 8.09 -37.74
N GLY B 147 -11.74 8.49 -36.68
CA GLY B 147 -12.74 7.64 -36.04
C GLY B 147 -12.15 6.47 -35.27
N ARG B 148 -11.46 5.58 -35.98
CA ARG B 148 -10.75 4.45 -35.38
C ARG B 148 -9.88 4.89 -34.21
N PRO B 149 -10.13 4.32 -33.01
CA PRO B 149 -9.34 4.65 -31.82
C PRO B 149 -7.91 4.14 -31.93
N PHE B 150 -7.01 4.67 -31.11
CA PHE B 150 -5.61 4.28 -31.19
C PHE B 150 -4.80 4.64 -29.94
N ARG B 151 -3.55 4.21 -29.93
CA ARG B 151 -2.61 4.53 -28.86
C ARG B 151 -1.76 5.73 -29.27
N PRO B 152 -1.91 6.85 -28.54
CA PRO B 152 -1.17 8.08 -28.87
C PRO B 152 0.28 8.06 -28.39
N ASN B 153 0.59 7.22 -27.41
CA ASN B 153 1.94 7.07 -26.86
C ASN B 153 3.05 7.10 -27.90
N GLY B 154 3.01 6.12 -28.81
CA GLY B 154 4.02 5.99 -29.85
C GLY B 154 4.21 7.25 -30.69
N LEU B 155 3.10 7.83 -31.12
CA LEU B 155 3.14 9.04 -31.95
C LEU B 155 3.76 10.20 -31.18
N LEU B 156 3.21 10.49 -30.00
CA LEU B 156 3.74 11.54 -29.12
C LEU B 156 5.25 11.44 -28.97
N ASP B 157 5.73 10.22 -28.75
CA ASP B 157 7.16 9.96 -28.63
C ASP B 157 7.93 10.49 -29.85
N LYS B 158 7.39 10.25 -31.04
CA LYS B 158 8.04 10.66 -32.28
C LYS B 158 8.11 12.18 -32.41
N ALA B 159 6.99 12.84 -32.13
CA ALA B 159 6.91 14.29 -32.21
C ALA B 159 7.93 14.96 -31.29
N VAL B 160 7.89 14.59 -30.01
CA VAL B 160 8.81 15.15 -29.02
C VAL B 160 10.28 14.82 -29.33
N SER B 161 10.52 13.61 -29.81
CA SER B 161 11.88 13.19 -30.18
C SER B 161 12.46 14.03 -31.31
N ASN B 162 11.62 14.43 -32.25
CA ASN B 162 12.07 15.23 -33.38
C ASN B 162 12.50 16.63 -32.97
N VAL B 163 11.97 17.12 -31.85
CA VAL B 163 12.35 18.43 -31.35
C VAL B 163 13.74 18.39 -30.73
N ILE B 164 13.96 17.40 -29.86
CA ILE B 164 15.26 17.23 -29.22
C ILE B 164 16.30 16.81 -30.28
N ALA B 165 15.86 16.12 -31.31
CA ALA B 165 16.75 15.69 -32.39
C ALA B 165 17.26 16.91 -33.15
N SER B 166 16.34 17.82 -33.46
CA SER B 166 16.65 19.05 -34.17
C SER B 166 17.77 19.83 -33.49
N LEU B 167 17.59 20.12 -32.21
CA LEU B 167 18.58 20.89 -31.47
C LEU B 167 19.88 20.12 -31.25
N THR B 168 19.78 18.80 -31.13
CA THR B 168 20.96 17.96 -30.92
C THR B 168 21.62 17.40 -32.19
N CYS B 169 20.83 16.83 -33.08
CA CYS B 169 21.39 16.27 -34.31
C CYS B 169 21.15 17.12 -35.56
N GLY B 170 20.58 18.32 -35.38
CA GLY B 170 20.40 19.24 -36.48
C GLY B 170 19.31 18.88 -37.47
N ARG B 171 18.70 17.70 -37.28
CA ARG B 171 17.72 17.22 -38.24
C ARG B 171 16.55 16.50 -37.57
N ARG B 172 15.48 16.31 -38.33
CA ARG B 172 14.31 15.59 -37.84
C ARG B 172 14.17 14.29 -38.61
N PHE B 173 13.46 13.33 -38.03
CA PHE B 173 13.33 12.02 -38.63
C PHE B 173 11.90 11.77 -39.11
N GLU B 174 11.78 10.98 -40.17
CA GLU B 174 10.46 10.60 -40.68
C GLU B 174 9.80 9.64 -39.71
N TYR B 175 8.49 9.76 -39.53
CA TYR B 175 7.76 8.89 -38.62
C TYR B 175 7.78 7.42 -39.04
N ASP B 176 8.31 7.14 -40.22
CA ASP B 176 8.41 5.77 -40.73
C ASP B 176 9.86 5.31 -40.86
N ASP B 177 10.79 6.22 -40.56
CA ASP B 177 12.22 5.94 -40.61
C ASP B 177 12.57 4.80 -39.66
N PRO B 178 13.16 3.72 -40.19
CA PRO B 178 13.57 2.54 -39.42
C PRO B 178 14.56 2.86 -38.29
N ARG B 179 15.61 3.61 -38.63
CA ARG B 179 16.64 4.00 -37.66
C ARG B 179 16.03 4.79 -36.51
N PHE B 180 15.09 5.67 -36.85
CA PHE B 180 14.37 6.47 -35.86
C PHE B 180 13.59 5.56 -34.92
N LEU B 181 12.78 4.70 -35.52
CA LEU B 181 11.94 3.75 -34.79
C LEU B 181 12.82 2.83 -33.95
N ARG B 182 14.02 2.52 -34.45
CA ARG B 182 14.95 1.66 -33.73
C ARG B 182 15.46 2.38 -32.49
N LEU B 183 15.85 3.64 -32.67
CA LEU B 183 16.30 4.49 -31.57
C LEU B 183 15.23 4.58 -30.48
N LEU B 184 14.03 4.95 -30.92
CA LEU B 184 12.88 5.09 -30.03
C LEU B 184 12.67 3.87 -29.16
N ASP B 185 12.69 2.69 -29.79
CA ASP B 185 12.54 1.43 -29.09
C ASP B 185 13.57 1.24 -27.99
N LEU B 186 14.84 1.29 -28.37
CA LEU B 186 15.96 1.14 -27.45
C LEU B 186 15.87 2.07 -26.25
N ALA B 187 15.45 3.31 -26.49
CA ALA B 187 15.28 4.30 -25.43
C ALA B 187 14.29 3.84 -24.35
N GLN B 188 13.10 3.42 -24.76
CA GLN B 188 12.08 2.99 -23.82
C GLN B 188 12.47 1.71 -23.07
N GLU B 189 13.41 0.97 -23.64
CA GLU B 189 13.84 -0.30 -23.05
C GLU B 189 15.05 -0.08 -22.16
N GLY B 190 15.88 0.90 -22.52
CA GLY B 190 17.04 1.24 -21.73
C GLY B 190 16.60 1.95 -20.47
N LEU B 191 15.50 2.70 -20.58
CA LEU B 191 14.90 3.39 -19.45
C LEU B 191 14.52 2.37 -18.38
N LYS B 192 13.89 1.29 -18.82
CA LYS B 192 13.49 0.20 -17.93
C LYS B 192 14.69 -0.39 -17.20
N GLU B 193 15.85 -0.37 -17.84
CA GLU B 193 17.08 -0.90 -17.24
C GLU B 193 17.66 0.03 -16.19
N GLU B 194 17.10 1.24 -16.08
CA GLU B 194 17.57 2.20 -15.08
C GLU B 194 16.95 1.87 -13.73
N SER B 195 16.35 0.68 -13.64
CA SER B 195 15.74 0.19 -12.40
C SER B 195 15.80 -1.33 -12.38
N GLY B 196 15.09 -1.92 -11.43
CA GLY B 196 15.07 -3.37 -11.31
C GLY B 196 15.93 -3.87 -10.17
N PHE B 197 15.95 -5.19 -9.99
CA PHE B 197 16.71 -5.80 -8.90
C PHE B 197 18.16 -6.06 -9.28
N LEU B 198 18.37 -6.65 -10.45
CA LEU B 198 19.71 -7.00 -10.90
C LEU B 198 20.61 -5.78 -11.07
N ARG B 199 20.01 -4.61 -11.23
CA ARG B 199 20.79 -3.39 -11.37
C ARG B 199 21.42 -3.00 -10.05
N GLU B 200 20.57 -2.90 -9.02
CA GLU B 200 21.00 -2.55 -7.67
C GLU B 200 22.06 -3.49 -7.12
N VAL B 201 21.91 -4.78 -7.43
CA VAL B 201 22.83 -5.81 -6.97
C VAL B 201 24.24 -5.58 -7.51
N LEU B 202 24.42 -5.79 -8.81
CA LEU B 202 25.72 -5.63 -9.47
C LEU B 202 26.34 -4.26 -9.18
N ASN B 203 25.49 -3.27 -8.92
CA ASN B 203 25.95 -1.91 -8.63
C ASN B 203 26.56 -1.79 -7.25
N ALA B 204 25.82 -2.23 -6.24
CA ALA B 204 26.30 -2.18 -4.86
C ALA B 204 27.17 -3.39 -4.51
N VAL B 205 27.42 -4.27 -5.48
CA VAL B 205 28.46 -5.30 -5.35
C VAL B 205 29.18 -5.48 -6.69
N PRO B 206 30.32 -4.78 -6.86
CA PRO B 206 30.99 -4.66 -8.16
C PRO B 206 31.64 -5.97 -8.62
N VAL B 207 31.15 -6.51 -9.73
CA VAL B 207 31.67 -7.79 -10.24
C VAL B 207 32.25 -7.61 -11.64
N GLY B 216 28.65 -10.52 -18.08
CA GLY B 216 27.84 -9.39 -17.70
C GLY B 216 27.04 -8.81 -18.87
N LYS B 217 25.93 -9.47 -19.19
CA LYS B 217 25.01 -8.98 -20.21
C LYS B 217 23.86 -8.15 -19.61
N VAL B 218 24.21 -7.05 -18.95
CA VAL B 218 23.24 -6.28 -18.18
C VAL B 218 22.61 -5.14 -18.97
N LEU B 219 23.42 -4.12 -19.29
CA LEU B 219 22.92 -2.94 -20.00
C LEU B 219 22.87 -3.13 -21.51
N ARG B 220 22.71 -4.38 -21.94
CA ARG B 220 22.61 -4.76 -23.35
C ARG B 220 21.76 -3.83 -24.24
N PHE B 221 20.77 -3.17 -23.66
CA PHE B 221 19.89 -2.30 -24.44
C PHE B 221 20.30 -0.82 -24.37
N GLN B 222 20.95 -0.42 -23.29
CA GLN B 222 21.48 0.93 -23.20
C GLN B 222 22.70 1.02 -24.11
N LYS B 223 23.46 -0.06 -24.16
CA LYS B 223 24.63 -0.17 -25.03
C LYS B 223 24.18 -0.06 -26.48
N ALA B 224 23.15 -0.83 -26.83
CA ALA B 224 22.56 -0.81 -28.17
C ALA B 224 22.13 0.59 -28.58
N PHE B 225 21.64 1.36 -27.62
CA PHE B 225 21.17 2.72 -27.87
C PHE B 225 22.32 3.64 -28.23
N LEU B 226 23.36 3.63 -27.40
CA LEU B 226 24.53 4.47 -27.61
C LEU B 226 25.23 4.17 -28.93
N THR B 227 25.32 2.88 -29.26
CA THR B 227 25.99 2.45 -30.49
C THR B 227 25.23 2.87 -31.74
N GLN B 228 23.93 3.12 -31.60
CA GLN B 228 23.12 3.61 -32.72
C GLN B 228 23.21 5.13 -32.79
N LEU B 229 23.64 5.75 -31.70
CA LEU B 229 23.88 7.18 -31.68
C LEU B 229 25.23 7.50 -32.29
N ASP B 230 26.23 6.67 -31.95
CA ASP B 230 27.57 6.80 -32.52
C ASP B 230 27.51 6.87 -34.04
N GLU B 231 26.70 5.98 -34.61
CA GLU B 231 26.48 5.94 -36.06
C GLU B 231 25.98 7.29 -36.56
N LEU B 232 24.91 7.79 -35.94
CA LEU B 232 24.34 9.08 -36.30
C LEU B 232 25.33 10.22 -36.03
N LEU B 233 26.16 10.05 -35.01
CA LEU B 233 27.17 11.03 -34.66
C LEU B 233 28.27 11.10 -35.72
N THR B 234 28.72 9.93 -36.16
CA THR B 234 29.79 9.83 -37.16
C THR B 234 29.42 10.54 -38.47
N GLU B 235 28.21 10.31 -38.96
CA GLU B 235 27.77 10.93 -40.20
C GLU B 235 27.55 12.43 -40.04
N HIS B 236 27.29 12.86 -38.81
CA HIS B 236 27.09 14.28 -38.53
C HIS B 236 28.38 15.05 -38.75
N ARG B 237 29.50 14.49 -38.32
CA ARG B 237 30.81 15.10 -38.49
C ARG B 237 31.07 15.42 -39.96
N MET B 238 30.53 14.57 -40.83
CA MET B 238 30.70 14.70 -42.28
C MET B 238 29.99 15.94 -42.82
N THR B 239 28.81 16.23 -42.28
CA THR B 239 28.01 17.36 -42.76
C THR B 239 28.25 18.66 -41.98
N TRP B 240 29.16 18.60 -41.00
CA TRP B 240 29.44 19.76 -40.15
C TRP B 240 30.34 20.77 -40.87
N ASP B 241 29.82 21.99 -41.04
CA ASP B 241 30.59 23.08 -41.64
C ASP B 241 31.18 24.00 -40.56
N PRO B 242 32.43 23.75 -40.14
CA PRO B 242 33.09 24.57 -39.12
C PRO B 242 33.28 26.03 -39.52
N ALA B 243 33.08 26.34 -40.81
CA ALA B 243 33.23 27.70 -41.30
C ALA B 243 31.90 28.45 -41.27
N GLN B 244 31.06 28.12 -40.29
CA GLN B 244 29.78 28.78 -40.12
C GLN B 244 29.41 28.56 -38.65
N PRO B 245 28.76 29.56 -38.00
CA PRO B 245 28.39 29.35 -36.60
C PRO B 245 27.53 28.12 -36.39
N PRO B 246 27.76 27.38 -35.28
CA PRO B 246 27.05 26.15 -34.92
C PRO B 246 25.55 26.18 -35.23
N ARG B 247 25.08 25.15 -35.92
CA ARG B 247 23.67 25.03 -36.28
C ARG B 247 22.91 24.25 -35.21
N ASP B 248 23.65 23.53 -34.38
CA ASP B 248 23.05 22.69 -33.34
C ASP B 248 24.05 22.34 -32.25
N LEU B 249 23.56 21.67 -31.22
CA LEU B 249 24.37 21.24 -30.08
C LEU B 249 25.66 20.51 -30.50
N THR B 250 25.50 19.43 -31.24
CA THR B 250 26.61 18.59 -31.67
C THR B 250 27.73 19.38 -32.36
N GLU B 251 27.37 20.22 -33.33
CA GLU B 251 28.34 21.11 -33.98
C GLU B 251 29.08 21.94 -32.95
N ALA B 252 28.32 22.70 -32.16
CA ALA B 252 28.87 23.52 -31.08
C ALA B 252 29.83 22.72 -30.19
N PHE B 253 29.48 21.46 -29.92
CA PHE B 253 30.31 20.58 -29.11
C PHE B 253 31.58 20.24 -29.88
N LEU B 254 31.43 20.01 -31.19
CA LEU B 254 32.57 19.70 -32.05
C LEU B 254 33.50 20.90 -32.14
N ALA B 255 32.91 22.09 -32.21
CA ALA B 255 33.68 23.32 -32.27
C ALA B 255 34.48 23.52 -30.98
N GLU B 256 33.89 23.06 -29.88
CA GLU B 256 34.56 23.12 -28.58
C GLU B 256 35.63 22.05 -28.48
N MET B 257 35.37 20.89 -29.07
CA MET B 257 36.35 19.80 -29.07
C MET B 257 37.61 20.25 -29.80
N GLU B 258 37.41 20.75 -31.01
CA GLU B 258 38.48 21.30 -31.84
C GLU B 258 39.41 22.19 -31.03
N LYS B 259 38.82 23.20 -30.39
CA LYS B 259 39.57 24.14 -29.56
C LYS B 259 40.21 23.44 -28.36
N ALA B 260 39.48 22.52 -27.75
CA ALA B 260 39.97 21.76 -26.60
C ALA B 260 41.13 20.81 -26.92
N LYS B 261 41.68 20.88 -28.12
CA LYS B 261 42.80 20.03 -28.50
C LYS B 261 44.04 20.39 -27.70
N GLY B 262 44.66 19.38 -27.11
CA GLY B 262 45.85 19.59 -26.29
C GLY B 262 45.48 19.98 -24.87
N ASN B 263 44.19 19.88 -24.54
CA ASN B 263 43.71 20.25 -23.21
C ASN B 263 43.14 19.02 -22.50
N PRO B 264 43.93 18.41 -21.60
CA PRO B 264 43.53 17.25 -20.81
C PRO B 264 42.49 17.58 -19.74
N GLU B 265 42.20 18.85 -19.52
CA GLU B 265 41.23 19.25 -18.51
C GLU B 265 39.83 19.46 -19.06
N SER B 266 39.70 19.40 -20.38
CA SER B 266 38.41 19.69 -21.01
C SER B 266 37.51 18.47 -21.05
N SER B 267 36.21 18.70 -20.87
CA SER B 267 35.22 17.64 -20.90
C SER B 267 34.68 17.48 -22.32
N PHE B 268 35.12 18.36 -23.21
CA PHE B 268 34.76 18.27 -24.62
C PHE B 268 35.66 17.28 -25.34
N ASN B 269 35.36 16.00 -25.19
CA ASN B 269 36.14 14.95 -25.82
C ASN B 269 35.24 13.87 -26.43
N ASP B 270 35.80 13.13 -27.38
CA ASP B 270 35.09 12.06 -28.10
C ASP B 270 34.26 11.15 -27.21
N GLU B 271 34.84 10.72 -26.09
CA GLU B 271 34.16 9.78 -25.19
C GLU B 271 32.98 10.45 -24.48
N ASN B 272 33.10 11.74 -24.23
CA ASN B 272 32.05 12.49 -23.56
C ASN B 272 30.95 12.97 -24.51
N LEU B 273 31.33 13.21 -25.77
CA LEU B 273 30.38 13.66 -26.78
C LEU B 273 29.16 12.76 -26.89
N ARG B 274 29.39 11.45 -26.96
CA ARG B 274 28.29 10.51 -27.12
C ARG B 274 27.43 10.44 -25.87
N ILE B 275 28.06 10.56 -24.70
CA ILE B 275 27.34 10.50 -23.43
C ILE B 275 26.48 11.75 -23.22
N VAL B 276 27.05 12.92 -23.46
CA VAL B 276 26.32 14.18 -23.34
C VAL B 276 25.13 14.22 -24.30
N VAL B 277 25.40 13.96 -25.58
CA VAL B 277 24.36 13.92 -26.60
C VAL B 277 23.25 12.94 -26.21
N ALA B 278 23.63 11.77 -25.72
CA ALA B 278 22.65 10.77 -25.31
C ALA B 278 21.83 11.25 -24.12
N ASP B 279 22.49 11.95 -23.21
CA ASP B 279 21.83 12.50 -22.02
C ASP B 279 20.66 13.40 -22.39
N LEU B 280 20.95 14.41 -23.19
CA LEU B 280 19.94 15.38 -23.60
C LEU B 280 18.87 14.74 -24.48
N PHE B 281 19.30 13.93 -25.44
CA PHE B 281 18.38 13.29 -26.39
C PHE B 281 17.44 12.29 -25.73
N SER B 282 17.97 11.44 -24.84
CA SER B 282 17.16 10.43 -24.18
C SER B 282 16.17 11.05 -23.20
N ALA B 283 16.62 12.01 -22.41
CA ALA B 283 15.80 12.63 -21.38
C ALA B 283 14.62 13.41 -21.96
N GLY B 284 14.86 14.13 -23.05
CA GLY B 284 13.82 14.93 -23.67
C GLY B 284 12.62 14.17 -24.18
N MET B 285 12.87 13.12 -24.95
CA MET B 285 11.80 12.26 -25.47
C MET B 285 10.98 11.48 -24.44
N VAL B 286 11.65 10.87 -23.46
CA VAL B 286 10.96 9.95 -22.54
C VAL B 286 9.96 10.65 -21.63
N THR B 287 10.28 11.86 -21.20
CA THR B 287 9.55 12.50 -20.11
C THR B 287 8.41 13.36 -20.66
N THR B 288 8.75 14.24 -21.58
CA THR B 288 7.78 15.17 -22.17
C THR B 288 6.64 14.43 -22.86
N SER B 289 6.99 13.41 -23.64
CA SER B 289 5.98 12.58 -24.29
C SER B 289 5.11 11.85 -23.28
N THR B 290 5.73 11.35 -22.22
CA THR B 290 5.01 10.68 -21.15
C THR B 290 4.01 11.65 -20.51
N THR B 291 4.45 12.89 -20.30
CA THR B 291 3.62 13.91 -19.71
C THR B 291 2.44 14.21 -20.64
N LEU B 292 2.74 14.27 -21.94
CA LEU B 292 1.72 14.50 -22.95
C LEU B 292 0.76 13.32 -23.01
N ALA B 293 1.26 12.13 -22.67
CA ALA B 293 0.43 10.93 -22.63
C ALA B 293 -0.50 11.00 -21.43
N TRP B 294 0.01 11.55 -20.33
CA TRP B 294 -0.80 11.77 -19.13
C TRP B 294 -1.87 12.80 -19.44
N GLY B 295 -1.47 13.83 -20.19
CA GLY B 295 -2.36 14.90 -20.59
C GLY B 295 -3.59 14.42 -21.33
N LEU B 296 -3.36 13.72 -22.43
CA LEU B 296 -4.45 13.20 -23.25
C LEU B 296 -5.35 12.27 -22.43
N LEU B 297 -4.72 11.45 -21.59
CA LEU B 297 -5.45 10.54 -20.71
C LEU B 297 -6.39 11.31 -19.80
N LEU B 298 -5.82 12.19 -18.98
CA LEU B 298 -6.60 13.01 -18.06
C LEU B 298 -7.64 13.90 -18.75
N MET B 299 -7.58 14.02 -20.07
CA MET B 299 -8.58 14.82 -20.80
C MET B 299 -9.76 13.98 -21.28
N ILE B 300 -9.54 12.69 -21.49
CA ILE B 300 -10.64 11.81 -21.87
C ILE B 300 -11.34 11.26 -20.63
N LEU B 301 -10.61 11.27 -19.52
CA LEU B 301 -11.17 10.82 -18.24
C LEU B 301 -11.79 12.02 -17.54
N HIS B 302 -11.59 13.20 -18.13
CA HIS B 302 -12.13 14.45 -17.60
C HIS B 302 -12.47 15.45 -18.72
N PRO B 303 -13.34 15.05 -19.68
CA PRO B 303 -13.71 16.00 -20.73
C PRO B 303 -14.29 17.29 -20.16
N ASP B 304 -14.84 17.20 -18.96
CA ASP B 304 -15.23 18.35 -18.15
C ASP B 304 -14.23 19.51 -18.20
N VAL B 305 -13.01 19.23 -17.75
CA VAL B 305 -11.90 20.17 -17.87
C VAL B 305 -11.39 20.37 -19.30
N GLN B 306 -11.50 19.35 -20.15
CA GLN B 306 -11.05 19.46 -21.54
C GLN B 306 -11.79 20.54 -22.31
N ARG B 307 -13.11 20.59 -22.16
CA ARG B 307 -13.95 21.53 -22.87
C ARG B 307 -13.65 22.99 -22.53
N ARG B 308 -13.45 23.29 -21.25
CA ARG B 308 -13.16 24.66 -20.83
C ARG B 308 -11.80 25.10 -21.36
N VAL B 309 -10.86 24.16 -21.48
CA VAL B 309 -9.56 24.46 -22.08
C VAL B 309 -9.78 24.76 -23.56
N GLN B 310 -10.47 23.85 -24.24
CA GLN B 310 -10.84 24.01 -25.65
C GLN B 310 -11.56 25.32 -25.93
N GLN B 311 -12.16 25.91 -24.89
CA GLN B 311 -12.84 27.19 -25.03
C GLN B 311 -11.85 28.35 -24.94
N GLU B 312 -11.09 28.37 -23.84
CA GLU B 312 -10.03 29.35 -23.63
C GLU B 312 -9.15 29.52 -24.86
N ILE B 313 -8.88 28.40 -25.53
CA ILE B 313 -8.10 28.37 -26.76
C ILE B 313 -8.76 29.25 -27.83
N ASP B 314 -10.03 28.99 -28.10
CA ASP B 314 -10.77 29.71 -29.13
C ASP B 314 -10.93 31.20 -28.81
N ASP B 315 -10.82 31.55 -27.53
CA ASP B 315 -10.88 32.95 -27.13
C ASP B 315 -9.59 33.68 -27.50
N VAL B 316 -8.51 33.33 -26.82
CA VAL B 316 -7.21 33.94 -27.06
C VAL B 316 -6.62 33.56 -28.42
N ILE B 317 -6.28 32.28 -28.58
CA ILE B 317 -5.60 31.81 -29.78
C ILE B 317 -6.51 31.71 -31.01
N GLY B 318 -7.70 31.16 -30.83
CA GLY B 318 -8.60 30.93 -31.94
C GLY B 318 -8.46 29.52 -32.48
N GLN B 319 -9.48 29.08 -33.21
CA GLN B 319 -9.54 27.70 -33.69
C GLN B 319 -8.77 27.45 -35.00
N VAL B 320 -7.95 28.39 -35.42
CA VAL B 320 -7.23 28.23 -36.69
C VAL B 320 -5.77 28.69 -36.68
N ARG B 321 -5.46 29.70 -35.87
CA ARG B 321 -4.07 30.13 -35.72
C ARG B 321 -3.27 29.09 -34.95
N ARG B 322 -1.96 29.01 -35.19
CA ARG B 322 -1.10 28.15 -34.37
C ARG B 322 -0.76 28.85 -33.06
N PRO B 323 -0.70 28.07 -31.97
CA PRO B 323 -0.37 28.59 -30.64
C PRO B 323 1.03 29.19 -30.55
N GLU B 324 1.16 30.23 -29.74
CA GLU B 324 2.44 30.90 -29.51
C GLU B 324 2.66 31.10 -28.01
N MET B 325 3.88 30.88 -27.55
CA MET B 325 4.23 31.04 -26.14
C MET B 325 3.66 32.31 -25.51
N GLY B 326 3.57 33.37 -26.30
CA GLY B 326 2.99 34.64 -25.86
C GLY B 326 1.53 34.56 -25.44
N ASP B 327 0.89 33.43 -25.72
CA ASP B 327 -0.52 33.23 -25.36
C ASP B 327 -0.67 32.71 -23.93
N GLN B 328 0.31 31.95 -23.46
CA GLN B 328 0.29 31.38 -22.11
C GLN B 328 -0.03 32.43 -21.06
N ALA B 329 0.54 33.62 -21.23
CA ALA B 329 0.29 34.75 -20.33
C ALA B 329 -1.21 35.02 -20.21
N HIS B 330 -1.90 35.01 -21.35
CA HIS B 330 -3.32 35.30 -21.40
C HIS B 330 -4.18 34.05 -21.25
N MET B 331 -3.57 32.93 -20.86
CA MET B 331 -4.29 31.69 -20.66
C MET B 331 -3.98 31.07 -19.30
N PRO B 332 -4.68 31.53 -18.25
CA PRO B 332 -4.51 31.03 -16.88
C PRO B 332 -4.98 29.59 -16.68
N TYR B 333 -6.10 29.23 -17.31
CA TYR B 333 -6.68 27.89 -17.12
C TYR B 333 -5.86 26.80 -17.79
N THR B 334 -5.53 27.00 -19.05
CA THR B 334 -4.78 26.00 -19.80
C THR B 334 -3.39 25.82 -19.20
N THR B 335 -2.85 26.88 -18.62
CA THR B 335 -1.55 26.84 -17.97
C THR B 335 -1.63 26.02 -16.70
N ALA B 336 -2.72 26.21 -15.96
CA ALA B 336 -2.96 25.49 -14.71
C ALA B 336 -3.24 24.02 -14.95
N VAL B 337 -3.90 23.72 -16.07
CA VAL B 337 -4.21 22.35 -16.43
C VAL B 337 -2.94 21.56 -16.69
N ILE B 338 -2.07 22.11 -17.53
CA ILE B 338 -0.79 21.49 -17.85
C ILE B 338 0.02 21.23 -16.59
N HIS B 339 0.11 22.25 -15.74
CA HIS B 339 0.83 22.18 -14.48
C HIS B 339 0.29 21.04 -13.61
N GLU B 340 -1.02 20.88 -13.60
CA GLU B 340 -1.65 19.85 -12.79
C GLU B 340 -1.44 18.47 -13.40
N VAL B 341 -1.35 18.42 -14.73
CA VAL B 341 -1.06 17.16 -15.42
C VAL B 341 0.34 16.68 -15.02
N GLN B 342 1.24 17.64 -14.81
CA GLN B 342 2.59 17.30 -14.37
C GLN B 342 2.54 16.85 -12.91
N ARG B 343 1.84 17.62 -12.08
CA ARG B 343 1.69 17.31 -10.67
C ARG B 343 1.03 15.94 -10.45
N PHE B 344 -0.11 15.73 -11.09
CA PHE B 344 -0.86 14.49 -10.94
C PHE B 344 -0.17 13.34 -11.66
N GLY B 345 0.37 13.63 -12.85
CA GLY B 345 1.10 12.66 -13.63
C GLY B 345 2.21 11.99 -12.85
N ASP B 346 2.93 12.80 -12.08
CA ASP B 346 4.01 12.34 -11.22
C ASP B 346 4.94 11.43 -12.02
N ILE B 347 5.51 12.01 -13.07
CA ILE B 347 6.34 11.30 -14.04
C ILE B 347 7.56 10.64 -13.39
N VAL B 348 8.33 11.43 -12.65
CA VAL B 348 9.49 10.91 -11.93
C VAL B 348 9.26 11.02 -10.42
N PRO B 349 8.76 9.94 -9.80
CA PRO B 349 8.44 9.88 -8.36
C PRO B 349 9.64 10.14 -7.46
N LEU B 350 10.68 9.33 -7.60
CA LEU B 350 11.83 9.43 -6.72
C LEU B 350 13.00 10.21 -7.32
N GLY B 351 12.72 10.94 -8.40
CA GLY B 351 13.74 11.75 -9.05
C GLY B 351 14.91 10.92 -9.53
N VAL B 352 16.11 11.42 -9.28
CA VAL B 352 17.33 10.66 -9.48
C VAL B 352 18.26 10.93 -8.30
N THR B 353 18.91 9.87 -7.81
CA THR B 353 19.64 9.93 -6.54
C THR B 353 20.63 11.07 -6.45
N HIS B 354 20.78 11.61 -5.23
CA HIS B 354 21.78 12.64 -4.94
C HIS B 354 22.82 12.07 -3.98
N MET B 355 23.82 12.86 -3.64
CA MET B 355 24.79 12.45 -2.61
C MET B 355 25.28 13.65 -1.81
N THR B 356 25.43 13.45 -0.50
CA THR B 356 25.88 14.50 0.39
C THR B 356 27.38 14.75 0.23
N SER B 357 27.74 16.01 0.01
CA SER B 357 29.14 16.39 -0.12
C SER B 357 29.78 16.52 1.26
N ARG B 358 28.95 16.90 2.24
CA ARG B 358 29.38 17.04 3.63
C ARG B 358 28.21 16.71 4.55
N ASP B 359 28.44 16.78 5.86
CA ASP B 359 27.40 16.53 6.83
C ASP B 359 26.35 17.63 6.77
N ILE B 360 25.07 17.25 6.91
CA ILE B 360 23.97 18.21 6.89
C ILE B 360 22.87 17.84 7.88
N GLU B 361 22.00 18.79 8.17
CA GLU B 361 20.83 18.55 9.01
C GLU B 361 19.53 18.62 8.23
N VAL B 362 18.75 17.55 8.29
CA VAL B 362 17.48 17.48 7.58
C VAL B 362 16.39 17.04 8.56
N GLN B 363 15.41 17.92 8.77
CA GLN B 363 14.30 17.68 9.69
C GLN B 363 14.76 17.10 11.02
N GLY B 364 15.84 17.67 11.56
CA GLY B 364 16.37 17.23 12.84
C GLY B 364 17.50 16.22 12.75
N PHE B 365 17.24 15.10 12.08
CA PHE B 365 18.22 14.02 11.98
C PHE B 365 19.55 14.44 11.34
N ARG B 366 20.58 13.63 11.57
CA ARG B 366 21.92 13.86 11.02
C ARG B 366 22.28 12.94 9.87
N ILE B 367 22.40 13.50 8.67
CA ILE B 367 22.81 12.71 7.51
C ILE B 367 24.31 12.89 7.25
N PRO B 368 25.08 11.79 7.37
CA PRO B 368 26.53 11.76 7.19
C PRO B 368 26.98 12.00 5.75
N LYS B 369 28.26 12.34 5.59
CA LYS B 369 28.88 12.50 4.28
C LYS B 369 28.97 11.17 3.54
N GLY B 370 28.78 11.20 2.23
CA GLY B 370 28.87 10.01 1.42
C GLY B 370 27.59 9.20 1.42
N THR B 371 26.53 9.81 1.93
CA THR B 371 25.23 9.15 2.01
C THR B 371 24.39 9.46 0.77
N THR B 372 23.92 8.40 0.11
CA THR B 372 23.07 8.57 -1.06
C THR B 372 21.72 9.15 -0.66
N LEU B 373 21.25 10.14 -1.42
CA LEU B 373 19.97 10.78 -1.14
C LEU B 373 18.93 10.42 -2.20
N ILE B 374 17.72 10.12 -1.76
CA ILE B 374 16.63 9.82 -2.67
C ILE B 374 15.49 10.80 -2.46
N THR B 375 15.48 11.87 -3.25
CA THR B 375 14.44 12.87 -3.16
C THR B 375 13.14 12.33 -3.72
N ASN B 376 12.22 11.98 -2.83
CA ASN B 376 10.93 11.45 -3.22
C ASN B 376 10.03 12.59 -3.70
N LEU B 377 10.23 13.00 -4.95
CA LEU B 377 9.51 14.14 -5.51
C LEU B 377 8.00 13.91 -5.56
N SER B 378 7.59 12.65 -5.45
CA SER B 378 6.18 12.30 -5.42
C SER B 378 5.56 12.83 -4.14
N SER B 379 6.27 12.59 -3.04
CA SER B 379 5.83 13.05 -1.71
C SER B 379 5.73 14.58 -1.65
N VAL B 380 6.34 15.25 -2.61
CA VAL B 380 6.28 16.70 -2.69
C VAL B 380 5.10 17.09 -3.57
N LEU B 381 5.09 16.53 -4.78
CA LEU B 381 4.03 16.77 -5.75
C LEU B 381 2.64 16.41 -5.22
N LYS B 382 2.61 15.61 -4.16
CA LYS B 382 1.34 15.16 -3.57
C LYS B 382 1.39 15.26 -2.04
N ASP B 383 2.12 16.26 -1.56
CA ASP B 383 2.24 16.53 -0.13
C ASP B 383 0.87 16.85 0.49
N GLU B 384 0.48 16.07 1.49
CA GLU B 384 -0.81 16.25 2.15
C GLU B 384 -0.96 17.62 2.80
N ALA B 385 0.14 18.18 3.29
CA ALA B 385 0.12 19.46 3.99
C ALA B 385 0.18 20.68 3.08
N VAL B 386 0.06 20.49 1.77
CA VAL B 386 0.14 21.63 0.86
C VAL B 386 -1.03 21.72 -0.13
N TRP B 387 -1.39 20.60 -0.75
CA TRP B 387 -2.46 20.62 -1.75
C TRP B 387 -3.82 20.23 -1.16
N GLU B 388 -4.86 20.87 -1.68
CA GLU B 388 -6.23 20.68 -1.20
C GLU B 388 -6.76 19.28 -1.49
N LYS B 389 -6.62 18.83 -2.74
CA LYS B 389 -6.94 17.45 -3.11
C LYS B 389 -5.77 16.78 -3.81
N PRO B 390 -4.76 16.36 -3.04
CA PRO B 390 -3.51 15.73 -3.48
C PRO B 390 -3.64 14.60 -4.51
N PHE B 391 -4.62 13.72 -4.34
CA PHE B 391 -4.71 12.53 -5.18
C PHE B 391 -5.87 12.54 -6.18
N ARG B 392 -6.53 13.68 -6.33
CA ARG B 392 -7.53 13.83 -7.38
C ARG B 392 -7.14 14.91 -8.39
N PHE B 393 -7.61 14.75 -9.64
CA PHE B 393 -7.21 15.68 -10.69
C PHE B 393 -7.90 16.98 -10.36
N HIS B 394 -7.12 17.99 -9.98
CA HIS B 394 -7.68 19.25 -9.53
C HIS B 394 -6.97 20.48 -10.08
N PRO B 395 -7.21 20.82 -11.35
CA PRO B 395 -6.61 21.98 -12.04
C PRO B 395 -6.58 23.24 -11.18
N GLU B 396 -7.52 23.35 -10.26
CA GLU B 396 -7.71 24.54 -9.44
C GLU B 396 -6.52 24.86 -8.54
N HIS B 397 -5.60 23.90 -8.40
CA HIS B 397 -4.47 24.03 -7.48
C HIS B 397 -3.44 25.04 -7.97
N PHE B 398 -3.73 25.69 -9.10
CA PHE B 398 -2.86 26.72 -9.63
C PHE B 398 -3.66 27.99 -9.89
N LEU B 399 -4.86 28.05 -9.33
CA LEU B 399 -5.74 29.21 -9.47
C LEU B 399 -6.21 29.73 -8.12
N ASP B 400 -6.11 31.05 -7.96
CA ASP B 400 -6.67 31.72 -6.78
C ASP B 400 -8.14 31.99 -6.99
N ALA B 401 -8.79 32.56 -5.98
CA ALA B 401 -10.21 32.89 -6.04
C ALA B 401 -10.54 33.72 -7.28
N GLN B 402 -9.65 34.64 -7.62
CA GLN B 402 -9.78 35.46 -8.81
C GLN B 402 -9.68 34.61 -10.09
N GLY B 403 -8.90 33.54 -10.02
CA GLY B 403 -8.70 32.66 -11.15
C GLY B 403 -7.42 32.92 -11.92
N HIS B 404 -6.56 33.78 -11.37
CA HIS B 404 -5.21 33.96 -11.89
C HIS B 404 -4.35 32.72 -11.65
N PHE B 405 -3.49 32.39 -12.62
CA PHE B 405 -2.56 31.28 -12.44
C PHE B 405 -1.55 31.56 -11.35
N VAL B 406 -1.30 30.57 -10.49
CA VAL B 406 -0.34 30.70 -9.39
C VAL B 406 0.41 29.38 -9.13
N LYS B 407 1.74 29.43 -9.22
CA LYS B 407 2.57 28.26 -9.02
C LYS B 407 3.07 28.14 -7.58
N PRO B 408 2.56 27.13 -6.83
CA PRO B 408 2.98 26.88 -5.45
C PRO B 408 4.43 26.39 -5.37
N GLU B 409 5.06 26.55 -4.22
CA GLU B 409 6.43 26.10 -4.02
C GLU B 409 6.56 24.58 -4.10
N ALA B 410 5.56 23.87 -3.58
CA ALA B 410 5.56 22.40 -3.59
C ALA B 410 5.51 21.80 -4.99
N PHE B 411 5.32 22.65 -6.00
CA PHE B 411 5.32 22.20 -7.39
C PHE B 411 6.75 22.02 -7.86
N LEU B 412 7.30 20.83 -7.64
CA LEU B 412 8.67 20.52 -8.06
C LEU B 412 8.80 19.28 -8.94
N PRO B 413 8.15 19.26 -10.11
CA PRO B 413 8.31 18.09 -10.97
C PRO B 413 9.70 18.05 -11.60
N PHE B 414 10.38 19.19 -11.58
CA PHE B 414 11.74 19.30 -12.10
C PHE B 414 12.75 19.35 -10.97
N SER B 415 12.29 19.03 -9.76
CA SER B 415 13.12 19.07 -8.56
C SER B 415 13.58 20.51 -8.30
N ALA B 416 14.71 20.65 -7.60
CA ALA B 416 15.28 21.96 -7.33
C ALA B 416 16.72 21.82 -6.89
N GLY B 417 17.45 22.94 -6.92
CA GLY B 417 18.86 22.93 -6.57
C GLY B 417 19.72 23.06 -7.81
N ARG B 418 21.03 22.98 -7.63
CA ARG B 418 21.98 23.09 -8.74
C ARG B 418 21.78 21.99 -9.79
N ARG B 419 21.17 20.89 -9.40
CA ARG B 419 20.99 19.76 -10.31
C ARG B 419 19.61 19.72 -10.95
N ALA B 420 18.77 20.70 -10.63
CA ALA B 420 17.43 20.82 -11.21
C ALA B 420 17.46 20.73 -12.74
N CYS B 421 16.39 20.20 -13.32
CA CYS B 421 16.26 20.00 -14.76
C CYS B 421 16.67 21.21 -15.61
N LEU B 422 17.68 21.01 -16.44
CA LEU B 422 18.15 22.06 -17.34
C LEU B 422 17.38 22.02 -18.66
N GLY B 423 16.30 21.25 -18.66
CA GLY B 423 15.47 21.10 -19.85
C GLY B 423 14.11 21.71 -19.62
N GLU B 424 13.89 22.15 -18.38
CA GLU B 424 12.63 22.78 -17.99
C GLU B 424 12.14 23.86 -18.98
N PRO B 425 13.04 24.76 -19.44
CA PRO B 425 12.54 25.76 -20.40
C PRO B 425 12.00 25.10 -21.67
N LEU B 426 12.76 24.15 -22.21
CA LEU B 426 12.33 23.41 -23.39
C LEU B 426 11.05 22.65 -23.10
N ALA B 427 11.02 21.98 -21.95
CA ALA B 427 9.86 21.20 -21.52
C ALA B 427 8.60 22.05 -21.42
N ARG B 428 8.69 23.17 -20.69
CA ARG B 428 7.57 24.10 -20.54
C ARG B 428 6.99 24.46 -21.91
N MET B 429 7.89 24.87 -22.80
CA MET B 429 7.53 25.26 -24.15
C MET B 429 6.91 24.10 -24.92
N GLU B 430 7.62 22.97 -24.93
CA GLU B 430 7.16 21.77 -25.63
C GLU B 430 5.74 21.38 -25.19
N LEU B 431 5.54 21.34 -23.88
CA LEU B 431 4.25 20.98 -23.30
C LEU B 431 3.14 21.92 -23.78
N PHE B 432 3.29 23.20 -23.50
CA PHE B 432 2.30 24.20 -23.90
C PHE B 432 1.97 24.17 -25.39
N LEU B 433 2.99 24.14 -26.24
CA LEU B 433 2.76 24.17 -27.68
C LEU B 433 2.12 22.89 -28.21
N PHE B 434 2.60 21.74 -27.75
CA PHE B 434 2.04 20.47 -28.21
C PHE B 434 0.63 20.25 -27.68
N PHE B 435 0.44 20.44 -26.38
CA PHE B 435 -0.86 20.25 -25.74
C PHE B 435 -1.97 21.07 -26.39
N THR B 436 -1.82 22.39 -26.35
CA THR B 436 -2.82 23.30 -26.90
C THR B 436 -3.09 23.04 -28.38
N SER B 437 -2.04 22.87 -29.18
CA SER B 437 -2.19 22.59 -30.61
C SER B 437 -3.05 21.36 -30.85
N LEU B 438 -2.95 20.38 -29.95
CA LEU B 438 -3.74 19.16 -30.07
C LEU B 438 -5.20 19.46 -29.78
N LEU B 439 -5.48 20.06 -28.63
CA LEU B 439 -6.84 20.36 -28.23
C LEU B 439 -7.49 21.40 -29.15
N GLN B 440 -6.66 22.29 -29.70
CA GLN B 440 -7.13 23.29 -30.65
C GLN B 440 -7.81 22.67 -31.87
N HIS B 441 -7.16 21.72 -32.52
CA HIS B 441 -7.71 21.08 -33.72
C HIS B 441 -8.31 19.70 -33.48
N PHE B 442 -8.57 19.36 -32.23
CA PHE B 442 -9.03 18.02 -31.90
C PHE B 442 -9.83 17.98 -30.60
N SER B 443 -10.66 16.96 -30.46
CA SER B 443 -11.42 16.74 -29.25
C SER B 443 -11.34 15.25 -28.92
N PHE B 444 -10.72 14.92 -27.81
CA PHE B 444 -10.49 13.52 -27.47
C PHE B 444 -11.49 13.01 -26.46
N SER B 445 -11.82 11.72 -26.57
CA SER B 445 -12.77 11.08 -25.69
C SER B 445 -12.52 9.59 -25.66
N VAL B 446 -13.08 8.92 -24.65
CA VAL B 446 -12.95 7.47 -24.56
C VAL B 446 -13.75 6.84 -25.70
N PRO B 447 -13.13 5.90 -26.43
CA PRO B 447 -13.81 5.29 -27.58
C PRO B 447 -15.08 4.55 -27.18
N THR B 448 -16.03 4.49 -28.11
CA THR B 448 -17.40 4.04 -27.85
C THR B 448 -17.54 2.77 -27.00
N GLY B 449 -17.13 1.64 -27.57
CA GLY B 449 -17.15 0.36 -26.87
C GLY B 449 -16.38 0.20 -25.56
N GLN B 450 -15.18 0.75 -25.48
CA GLN B 450 -14.30 0.42 -24.37
C GLN B 450 -14.71 1.09 -23.06
N PRO B 451 -14.35 0.47 -21.92
CA PRO B 451 -14.62 0.97 -20.56
C PRO B 451 -13.66 2.07 -20.12
N ARG B 452 -13.87 2.58 -18.92
CA ARG B 452 -13.14 3.74 -18.42
C ARG B 452 -11.66 3.43 -18.16
N PRO B 453 -10.76 4.18 -18.83
CA PRO B 453 -9.32 4.06 -18.65
C PRO B 453 -8.89 4.26 -17.19
N SER B 454 -7.92 3.48 -16.73
CA SER B 454 -7.43 3.60 -15.36
C SER B 454 -6.56 4.84 -15.19
N HIS B 455 -6.55 5.40 -14.00
CA HIS B 455 -5.74 6.58 -13.71
C HIS B 455 -4.44 6.18 -13.01
N HIS B 456 -4.27 4.87 -12.81
CA HIS B 456 -3.06 4.33 -12.21
C HIS B 456 -1.94 4.22 -13.24
N GLY B 457 -0.71 4.53 -12.82
CA GLY B 457 0.43 4.52 -13.72
C GLY B 457 1.40 3.38 -13.48
N VAL B 458 1.76 2.68 -14.56
CA VAL B 458 2.75 1.61 -14.48
C VAL B 458 4.12 2.18 -14.09
N PHE B 459 4.85 1.45 -13.25
CA PHE B 459 6.15 1.92 -12.79
C PHE B 459 7.33 1.16 -13.40
N ALA B 460 8.12 1.87 -14.20
CA ALA B 460 9.40 1.37 -14.67
C ALA B 460 10.42 2.48 -14.53
N PHE B 461 10.72 2.84 -13.28
CA PHE B 461 11.54 4.00 -12.90
C PHE B 461 10.73 5.26 -13.17
N LEU B 462 10.29 5.41 -14.41
CA LEU B 462 9.47 6.55 -14.82
C LEU B 462 8.05 6.08 -15.00
N VAL B 463 7.12 6.67 -14.24
CA VAL B 463 5.72 6.28 -14.29
C VAL B 463 5.05 6.76 -15.58
N SER B 464 4.30 5.86 -16.20
CA SER B 464 3.64 6.13 -17.46
C SER B 464 2.17 5.74 -17.36
N PRO B 465 1.30 6.40 -18.15
CA PRO B 465 -0.13 6.10 -18.09
C PRO B 465 -0.44 4.70 -18.59
N SER B 466 -1.11 3.90 -17.75
CA SER B 466 -1.52 2.56 -18.11
C SER B 466 -2.18 2.53 -19.49
N PRO B 467 -1.90 1.49 -20.29
CA PRO B 467 -2.26 1.51 -21.71
C PRO B 467 -3.74 1.78 -21.95
N TYR B 468 -4.03 2.58 -22.97
CA TYR B 468 -5.38 3.08 -23.20
C TYR B 468 -5.54 3.60 -24.62
N GLU B 469 -6.77 3.60 -25.11
CA GLU B 469 -7.06 4.10 -26.44
C GLU B 469 -7.99 5.30 -26.36
N LEU B 470 -7.94 6.16 -27.38
CA LEU B 470 -8.78 7.34 -27.41
C LEU B 470 -9.25 7.64 -28.82
N CYS B 471 -10.31 8.42 -28.94
CA CYS B 471 -10.82 8.82 -30.24
C CYS B 471 -10.49 10.29 -30.52
N ALA B 472 -9.89 10.53 -31.69
CA ALA B 472 -9.50 11.89 -32.07
C ALA B 472 -10.37 12.39 -33.22
N VAL B 473 -11.22 13.36 -32.93
CA VAL B 473 -12.11 13.92 -33.93
C VAL B 473 -11.96 15.44 -34.04
N PRO B 474 -11.90 15.95 -35.28
CA PRO B 474 -11.65 17.37 -35.55
C PRO B 474 -12.81 18.26 -35.12
N ARG B 475 -12.56 19.56 -35.01
CA ARG B 475 -13.51 20.49 -34.42
C ARG B 475 -14.02 21.50 -35.45
CHA HEM C . -10.42 -6.83 16.93
CHB HEM C . -10.98 -10.72 19.79
CHC HEM C . -15.56 -11.18 18.24
CHD HEM C . -14.78 -7.66 14.99
C1A HEM C . -10.16 -7.85 17.83
C2A HEM C . -8.88 -8.13 18.46
C3A HEM C . -9.05 -9.20 19.25
C4A HEM C . -10.42 -9.64 19.14
CMA HEM C . -7.99 -9.83 20.09
CAA HEM C . -7.58 -7.33 18.27
CBA HEM C . -7.61 -6.05 19.09
CGA HEM C . -6.35 -5.27 18.81
O1A HEM C . -6.06 -5.01 17.62
O2A HEM C . -5.66 -4.88 19.79
C1B HEM C . -12.28 -11.17 19.65
C2B HEM C . -12.87 -12.29 20.36
C3B HEM C . -14.15 -12.43 19.93
C4B HEM C . -14.38 -11.40 18.93
CMB HEM C . -12.13 -13.10 21.38
CAB HEM C . -15.24 -13.44 20.35
CBB HEM C . -15.09 -14.40 21.27
C1C HEM C . -15.76 -10.25 17.24
C2C HEM C . -17.00 -10.01 16.55
C3C HEM C . -16.79 -9.04 15.64
C4C HEM C . -15.40 -8.64 15.75
CMC HEM C . -18.28 -10.77 16.84
CAC HEM C . -17.75 -8.36 14.61
CBC HEM C . -19.04 -8.71 14.44
C1D HEM C . -13.54 -7.11 15.24
C2D HEM C . -12.93 -6.02 14.51
C3D HEM C . -11.73 -5.79 15.05
C4D HEM C . -11.53 -6.73 16.13
CMD HEM C . -13.54 -5.26 13.36
CAD HEM C . -10.73 -4.70 14.59
CBD HEM C . -11.09 -3.33 15.19
CGD HEM C . -9.99 -2.36 14.91
O1D HEM C . -10.17 -1.15 15.21
O2D HEM C . -8.92 -2.78 14.39
NA HEM C . -11.08 -8.79 18.27
NB HEM C . -13.22 -10.66 18.78
NC HEM C . -14.80 -9.40 16.73
ND HEM C . -12.65 -7.53 16.22
FE HEM C . -12.93 -9.14 17.47
CAA RTZ D . -8.34 -8.25 7.52
CAA RTZ D . -8.49 -8.21 7.70
CAB RTZ D . -8.90 -11.31 15.97
CAB RTZ D . -11.19 -14.36 5.27
CAC RTZ D . -9.76 -14.68 6.66
CAC RTZ D . -7.89 -11.37 13.49
CAD RTZ D . -10.86 -15.47 6.92
CAD RTZ D . -8.80 -11.85 14.42
CAE RTZ D . -10.85 -10.33 4.76
CAE RTZ D . -10.57 -10.61 4.86
CAF RTZ D . -10.48 -8.88 4.48
CAF RTZ D . -10.28 -9.16 4.51
CAG RTZ D . -11.07 -10.56 6.25
CAG RTZ D . -10.90 -10.78 6.33
CAH RTZ D . -9.36 -13.72 7.57
CAH RTZ D . -8.13 -11.49 12.14
CAI RTZ D . -11.56 -15.32 8.10
CAI RTZ D . -9.96 -12.47 13.99
CAJ RTZ D . -10.19 -12.94 13.82
CAJ RTZ D . -11.63 -15.51 8.71
CAK RTZ D . -11.07 -13.55 12.95
CAK RTZ D . -11.94 -15.06 9.98
CAL RTZ D . -10.10 -10.36 8.52
CAL RTZ D . -10.13 -10.44 8.67
CAM RTZ D . -9.31 -8.45 5.32
CAM RTZ D . -9.25 -8.58 5.44
CAN RTZ D . -9.08 -11.30 9.15
CAN RTZ D . -9.03 -11.20 9.40
CAO RTZ D . -8.96 -12.07 11.95
CAO RTZ D . -9.96 -13.81 8.49
CAP RTZ D . -9.84 -10.14 7.04
CAP RTZ D . -9.77 -10.23 7.20
CAQ RTZ D . -9.12 -12.20 13.33
CAQ RTZ D . -10.66 -14.89 7.96
CAR RTZ D . -10.06 -13.54 8.76
CAR RTZ D . -9.30 -12.11 11.68
CAS RTZ D . -9.83 -12.67 11.06
CAS RTZ D . -10.25 -13.32 9.76
CAT RTZ D . -11.16 -14.35 9.02
CAT RTZ D . -10.21 -12.60 12.63
CAU RTZ D . -10.91 -13.41 11.58
CAU RTZ D . -11.25 -13.96 10.50
NAV RTZ D . -9.50 -8.73 6.75
NAV RTZ D . -9.53 -8.81 6.86
NAW RTZ D . -9.70 -12.53 9.67
NAW RTZ D . -9.56 -12.23 10.31
SAX RTZ D . -7.99 -11.45 14.44
SAX RTZ D . -10.27 -15.46 6.34
SAY RTZ D . -12.08 -14.17 10.52
SAY RTZ D . -11.69 -13.37 12.10
NA NA E . -4.35 -9.98 5.46
CHA HEM F . 17.34 16.39 -14.73
CHB HEM F . 12.51 15.80 -14.62
CHC HEM F . 12.34 17.20 -19.26
CHD HEM F . 17.19 16.97 -19.55
C1A HEM F . 16.06 16.10 -14.29
C2A HEM F . 15.69 15.64 -12.97
C3A HEM F . 14.36 15.48 -12.94
C4A HEM F . 13.84 15.83 -14.24
CMA HEM F . 13.54 15.02 -11.77
CAA HEM F . 16.67 15.39 -11.80
CBA HEM F . 16.66 16.58 -10.84
CGA HEM F . 17.65 16.34 -9.74
O1A HEM F . 18.61 15.55 -9.96
O2A HEM F . 17.49 16.95 -8.65
C1B HEM F . 12.04 16.15 -15.87
C2B HEM F . 10.64 16.22 -16.27
C3B HEM F . 10.60 16.60 -17.57
C4B HEM F . 11.96 16.81 -18.00
CMB HEM F . 9.50 15.88 -15.35
CAB HEM F . 9.39 16.85 -18.50
CBB HEM F . 8.11 16.68 -18.17
C1C HEM F . 13.64 17.29 -19.74
C2C HEM F . 14.01 17.73 -21.07
C3C HEM F . 15.34 17.67 -21.17
C4C HEM F . 15.87 17.18 -19.91
CMC HEM F . 13.06 18.18 -22.15
CAC HEM F . 16.09 18.08 -22.46
CBC HEM F . 17.41 17.98 -22.59
C1D HEM F . 17.66 16.81 -18.27
C2D HEM F . 19.05 16.75 -17.85
C3D HEM F . 19.09 16.59 -16.53
C4D HEM F . 17.72 16.54 -16.05
CMD HEM F . 20.26 16.84 -18.75
CAD HEM F . 20.36 16.47 -15.68
CBD HEM F . 20.75 17.85 -15.14
CGD HEM F . 21.77 17.73 -14.04
O1D HEM F . 22.30 18.80 -13.62
O2D HEM F . 22.07 16.59 -13.60
NA HEM F . 14.90 16.21 -15.05
NB HEM F . 12.82 16.52 -16.96
NC HEM F . 14.80 16.96 -19.07
ND HEM F . 16.88 16.68 -17.13
FE HEM F . 14.87 16.55 -17.07
CAA RTZ G . 23.55 8.72 -17.94
CAA RTZ G . 23.09 8.87 -17.75
CAB RTZ G . 16.09 10.72 -14.20
CAB RTZ G . 18.68 5.39 -22.90
CAC RTZ G . 18.56 4.67 -21.39
CAC RTZ G . 16.96 9.95 -14.53
CAD RTZ G . 17.38 4.84 -22.09
CAD RTZ G . 15.88 10.72 -14.91
CAE RTZ G . 23.26 6.98 -21.81
CAE RTZ G . 22.06 6.74 -21.30
CAF RTZ G . 24.14 8.20 -21.63
CAF RTZ G . 23.50 7.16 -21.08
CAG RTZ G . 21.98 7.07 -20.98
CAG RTZ G . 21.09 7.79 -20.76
CAH RTZ G . 18.99 5.63 -20.50
CAH RTZ G . 17.70 9.26 -15.47
CAI RTZ G . 16.61 5.96 -21.90
CAI RTZ G . 15.53 10.80 -16.25
CAJ RTZ G . 15.82 9.65 -16.95
CAJ RTZ G . 16.31 7.00 -21.22
CAK RTZ G . 15.50 9.35 -18.26
CAK RTZ G . 15.84 8.19 -20.69
CAL RTZ G . 21.01 7.47 -18.74
CAL RTZ G . 20.37 9.09 -18.74
CAM RTZ G . 24.43 8.42 -20.16
CAM RTZ G . 23.75 7.54 -19.65
CAN RTZ G . 20.02 8.33 -19.50
CAN RTZ G . 19.56 8.50 -17.61
CAO RTZ G . 18.01 8.72 -17.25
CAO RTZ G . 17.96 6.89 -19.48
CAP RTZ G . 22.32 7.31 -19.51
CAP RTZ G . 21.37 8.07 -19.29
CAQ RTZ G . 17.06 9.34 -16.44
CAQ RTZ G . 17.38 6.35 -20.62
CAR RTZ G . 18.22 6.79 -20.29
CAR RTZ G . 17.36 9.33 -16.82
CAS RTZ G . 17.71 8.42 -18.57
CAS RTZ G . 17.50 8.08 -18.93
CAT RTZ G . 17.03 6.94 -20.99
CAT RTZ G . 16.26 10.11 -17.20
CAU RTZ G . 16.45 8.74 -19.07
CAU RTZ G . 16.43 8.73 -19.55
NAV RTZ G . 23.22 8.48 -19.33
NAV RTZ G . 22.78 8.50 -19.13
NAW RTZ G . 18.65 7.81 -19.43
NAW RTZ G . 18.12 8.66 -17.80
SAX RTZ G . 17.46 9.71 -14.76
SAX RTZ G . 18.02 4.87 -21.32
SAY RTZ G . 16.03 8.36 -20.74
SAY RTZ G . 15.80 10.24 -18.90
NA NA H . 22.61 4.10 -15.31
NI NI I . 24.41 19.92 -37.36
#